data_9C8H
#
_entry.id   9C8H
#
_cell.length_a   1.00
_cell.length_b   1.00
_cell.length_c   1.00
_cell.angle_alpha   90.00
_cell.angle_beta   90.00
_cell.angle_gamma   90.00
#
_symmetry.space_group_name_H-M   'P 1'
#
loop_
_entity.id
_entity.type
_entity.pdbx_description
1 polymer VP1
2 polymer VP2
3 polymer VP3
#
loop_
_entity_poly.entity_id
_entity_poly.type
_entity_poly.pdbx_seq_one_letter_code
_entity_poly.pdbx_strand_id
1 'polypeptide(L)'
;IESIIKTATDTVKSEINAELGVVPSLNAVETGASSNTEPEEAIQTRTVINQHGVSETLVENFLSRAALVSKRSFEYKNHT
SSEARTDKNFYKWTINTKSFVQLRRKLELFTYLRFDAEITILTTVAVGSNNSTYMGLPDLTLQAMFVPTGALTPEKQDSF
HWQSGSNASVFFKVSDPPARMTIPFMCINSAYSVFYDGFAGFEKNGLYGINPADTIGNLCVRIVNEHQPIGFTVTVRVYM
KPKHIKAWAPRPPRTLPYMSIANANYKGKERAPNALNAIIGNRESVKTMPHDIRLV
;
A
2 'polypeptide(L)'
;SPSAEACGYSDRVLQLKLGNSAIVTQEAANYCCAYGEWPNYLPDHEAVAIDKPTQPETATDRFYTLKSVKWETESTGWWW
KLPDALNNIGMFGQNVQHHYLYRSGFLIHVQCNATKFHQGALLVVAIPEHQRGAHNTTTSPGFDDIMKGEEGGTFNHPYV
LDDGTSLACATIFPHQWINLRTNNSATIVLPWMNAAPMDFPLRHNQWTLAIIPVVPLGTRTVSSMVPITVSIAPMCCEFN
GLRHAITQ
;
B
3 'polypeptide(L)'
;GVPTYLLPGSGQFLTTDDHSSAPVLPCFNPTPEMHIPGQVRNMLEVIQVESMMEINNTENAVGMQRLKVDISVLTDVDQL
LFNIPLDIQLDGPLRNTLVGNISRYYTHWSGSLEMTFMFCGSFMATGKLILCYTPPGGSCPTTRETAMLGTHIVWDFGLQ
SSVTLVIPWISGSHYRMFNNDAKSTNANVGYVTCFMQTNLIVPSESSNTCSLIGFVAAKDDFSLRLMRDSPDIGQLEHLH
EAEAAYQ
;
C
#
# COMPACT_ATOMS: atom_id res chain seq x y z
N SER A 55 -3.15 -21.53 0.14
CA SER A 55 -4.18 -21.42 1.16
C SER A 55 -3.67 -20.60 2.34
N GLU A 56 -2.41 -20.82 2.71
CA GLU A 56 -1.78 -20.02 3.75
C GLU A 56 -1.58 -18.59 3.27
N THR A 57 -1.38 -18.41 1.97
CA THR A 57 -1.25 -17.10 1.37
C THR A 57 -2.58 -16.44 1.04
N LEU A 58 -3.71 -17.03 1.43
CA LEU A 58 -5.00 -16.36 1.25
C LEU A 58 -5.05 -15.10 2.09
N VAL A 59 -5.76 -14.08 1.57
CA VAL A 59 -5.80 -12.79 2.24
C VAL A 59 -6.58 -12.87 3.56
N GLU A 60 -7.54 -13.80 3.63
CA GLU A 60 -8.18 -14.11 4.91
C GLU A 60 -7.18 -14.72 5.88
N ASN A 61 -6.31 -15.60 5.38
CA ASN A 61 -5.25 -16.13 6.21
C ASN A 61 -4.15 -15.09 6.44
N PHE A 62 -4.03 -14.12 5.54
CA PHE A 62 -2.96 -13.14 5.66
C PHE A 62 -3.25 -12.10 6.72
N LEU A 63 -4.42 -11.47 6.68
CA LEU A 63 -4.69 -10.34 7.55
C LEU A 63 -5.19 -10.71 8.93
N SER A 64 -5.54 -11.97 9.17
CA SER A 64 -6.09 -12.39 10.46
C SER A 64 -4.98 -12.80 11.43
N ARG A 65 -4.15 -11.83 11.78
CA ARG A 65 -3.13 -12.02 12.81
C ARG A 65 -3.40 -11.02 13.93
N ALA A 66 -3.52 -11.53 15.16
CA ALA A 66 -3.90 -10.72 16.31
C ALA A 66 -2.72 -9.90 16.78
N ALA A 67 -2.46 -8.79 16.09
CA ALA A 67 -1.35 -7.94 16.46
C ALA A 67 -1.81 -6.86 17.45
N LEU A 68 -0.92 -6.53 18.37
CA LEU A 68 -1.18 -5.50 19.37
C LEU A 68 -1.18 -4.13 18.72
N VAL A 69 -2.32 -3.45 18.74
CA VAL A 69 -2.42 -2.11 18.17
C VAL A 69 -2.65 -1.03 19.21
N SER A 70 -3.02 -1.38 20.43
CA SER A 70 -3.00 -0.43 21.53
C SER A 70 -2.77 -1.21 22.81
N LYS A 71 -1.64 -0.95 23.44
CA LYS A 71 -1.25 -1.52 24.73
C LYS A 71 -1.24 -0.35 25.70
N ARG A 72 -2.32 -0.18 26.43
CA ARG A 72 -2.47 0.93 27.36
C ARG A 72 -2.31 0.39 28.78
N SER A 73 -1.21 0.75 29.43
CA SER A 73 -1.01 0.39 30.83
C SER A 73 -1.65 1.50 31.66
N PHE A 74 -2.98 1.48 31.72
CA PHE A 74 -3.69 2.58 32.35
C PHE A 74 -3.79 2.32 33.85
N GLU A 75 -3.70 3.38 34.64
CA GLU A 75 -3.51 3.23 36.08
C GLU A 75 -4.86 3.21 36.78
N TYR A 76 -4.96 2.39 37.84
CA TYR A 76 -6.17 2.20 38.60
C TYR A 76 -5.89 2.65 40.04
N LYS A 77 -6.43 3.82 40.38
CA LYS A 77 -6.17 4.56 41.60
C LYS A 77 -7.23 5.66 41.65
N ASN A 78 -7.36 6.32 42.80
CA ASN A 78 -8.20 7.50 42.87
C ASN A 78 -7.60 8.65 42.07
N HIS A 79 -7.84 8.64 40.76
CA HIS A 79 -7.36 9.68 39.87
C HIS A 79 -8.18 10.96 40.01
N THR A 80 -9.32 10.89 40.70
CA THR A 80 -10.10 12.08 41.00
C THR A 80 -9.44 12.95 42.06
N SER A 81 -8.50 12.40 42.83
CA SER A 81 -7.80 13.15 43.88
C SER A 81 -6.95 14.27 43.31
N SER A 82 -5.90 13.92 42.55
CA SER A 82 -5.06 14.94 41.92
C SER A 82 -4.50 14.37 40.61
N GLU A 83 -5.22 14.62 39.52
CA GLU A 83 -4.75 14.34 38.17
C GLU A 83 -5.25 15.44 37.26
N ALA A 84 -4.53 15.68 36.16
CA ALA A 84 -4.85 16.76 35.24
C ALA A 84 -5.29 16.27 33.88
N ARG A 85 -4.45 15.47 33.21
CA ARG A 85 -4.75 15.05 31.84
C ARG A 85 -4.85 13.53 31.73
N THR A 86 -4.28 12.77 32.66
CA THR A 86 -4.09 11.34 32.52
C THR A 86 -5.42 10.57 32.62
N ASP A 87 -5.29 9.25 32.53
CA ASP A 87 -6.42 8.32 32.56
C ASP A 87 -7.10 8.40 33.93
N LYS A 88 -8.42 8.54 33.92
CA LYS A 88 -9.19 8.52 35.16
C LYS A 88 -9.89 7.17 35.27
N ASN A 89 -9.06 6.14 35.49
CA ASN A 89 -9.45 4.73 35.60
C ASN A 89 -10.18 4.23 34.36
N PHE A 90 -9.84 4.80 33.21
CA PHE A 90 -10.44 4.50 31.92
C PHE A 90 -9.53 5.07 30.84
N TYR A 91 -9.55 4.46 29.66
CA TYR A 91 -8.83 5.03 28.53
C TYR A 91 -9.74 5.01 27.31
N LYS A 92 -9.77 6.13 26.60
CA LYS A 92 -10.59 6.28 25.41
C LYS A 92 -9.68 6.14 24.19
N TRP A 93 -9.76 4.98 23.53
CA TRP A 93 -8.96 4.72 22.36
C TRP A 93 -9.88 4.61 21.16
N THR A 94 -9.74 5.54 20.23
CA THR A 94 -10.42 5.42 18.94
C THR A 94 -9.85 4.22 18.19
N ILE A 95 -10.74 3.35 17.72
CA ILE A 95 -10.29 2.16 17.00
C ILE A 95 -9.80 2.62 15.63
N ASN A 96 -8.49 2.78 15.51
CA ASN A 96 -7.82 2.86 14.22
C ASN A 96 -6.78 1.75 14.21
N THR A 97 -6.61 1.11 13.06
CA THR A 97 -5.69 0.00 12.93
C THR A 97 -4.30 0.45 12.49
N LYS A 98 -3.91 1.67 12.82
CA LYS A 98 -2.71 2.29 12.27
C LYS A 98 -1.71 2.68 13.35
N SER A 99 -1.97 2.36 14.62
CA SER A 99 -1.11 2.85 15.69
C SER A 99 0.20 2.07 15.78
N PHE A 100 0.18 0.78 15.46
CA PHE A 100 1.37 -0.06 15.49
C PHE A 100 1.72 -0.48 14.07
N VAL A 101 2.97 -0.27 13.68
CA VAL A 101 3.32 -0.21 12.26
C VAL A 101 3.43 -1.59 11.61
N GLN A 102 3.47 -2.67 12.39
CA GLN A 102 3.50 -4.00 11.79
C GLN A 102 2.16 -4.33 11.15
N LEU A 103 1.10 -4.30 11.96
CA LEU A 103 -0.25 -4.48 11.43
C LEU A 103 -0.65 -3.33 10.51
N ARG A 104 -0.11 -2.13 10.73
CA ARG A 104 -0.40 -1.01 9.85
C ARG A 104 0.12 -1.26 8.45
N ARG A 105 1.40 -1.64 8.33
CA ARG A 105 1.95 -1.92 7.02
C ARG A 105 1.38 -3.20 6.43
N LYS A 106 0.87 -4.09 7.29
CA LYS A 106 0.07 -5.21 6.79
C LYS A 106 -1.21 -4.71 6.14
N LEU A 107 -1.83 -3.66 6.72
CA LEU A 107 -3.03 -3.04 6.18
C LEU A 107 -2.77 -1.78 5.35
N GLU A 108 -1.50 -1.32 5.20
CA GLU A 108 -1.36 -0.45 4.01
C GLU A 108 -1.14 -1.22 2.74
N LEU A 109 -1.29 -2.54 2.68
CA LEU A 109 -1.18 -3.24 1.41
C LEU A 109 -2.31 -2.92 0.46
N PHE A 110 -3.49 -2.56 0.95
CA PHE A 110 -4.66 -2.39 0.10
C PHE A 110 -5.34 -1.06 0.36
N THR A 111 -6.17 -0.63 -0.60
CA THR A 111 -7.01 0.54 -0.39
C THR A 111 -8.17 0.22 0.52
N TYR A 112 -9.07 -0.64 0.04
CA TYR A 112 -10.39 -0.80 0.60
C TYR A 112 -10.48 -2.19 1.23
N LEU A 113 -10.83 -2.23 2.51
CA LEU A 113 -10.71 -3.42 3.33
C LEU A 113 -11.98 -3.63 4.13
N ARG A 114 -12.96 -4.30 3.53
CA ARG A 114 -14.19 -4.58 4.26
C ARG A 114 -14.00 -5.87 5.05
N PHE A 115 -14.08 -5.78 6.37
CA PHE A 115 -13.94 -6.99 7.16
C PHE A 115 -14.75 -6.87 8.45
N ASP A 116 -15.06 -8.03 9.02
CA ASP A 116 -15.62 -8.15 10.36
C ASP A 116 -14.45 -8.14 11.32
N ALA A 117 -14.32 -7.08 12.12
CA ALA A 117 -13.09 -6.89 12.87
C ALA A 117 -13.22 -7.52 14.26
N GLU A 118 -12.75 -8.75 14.41
CA GLU A 118 -12.77 -9.41 15.71
C GLU A 118 -11.79 -8.67 16.62
N ILE A 119 -12.24 -8.42 17.83
CA ILE A 119 -11.48 -7.71 18.85
C ILE A 119 -11.27 -8.66 20.01
N THR A 120 -10.02 -8.75 20.47
CA THR A 120 -9.64 -9.58 21.61
C THR A 120 -8.91 -8.69 22.59
N ILE A 121 -9.46 -8.53 23.78
CA ILE A 121 -8.90 -7.66 24.81
C ILE A 121 -8.30 -8.54 25.89
N LEU A 122 -6.99 -8.44 26.08
CA LEU A 122 -6.30 -9.19 27.12
C LEU A 122 -5.79 -8.20 28.15
N THR A 123 -6.34 -8.27 29.36
CA THR A 123 -6.02 -7.31 30.41
C THR A 123 -5.25 -8.02 31.51
N THR A 124 -4.08 -7.49 31.85
CA THR A 124 -3.26 -8.03 32.92
C THR A 124 -3.07 -6.95 33.98
N VAL A 125 -3.42 -7.27 35.22
CA VAL A 125 -3.34 -6.33 36.32
C VAL A 125 -2.03 -6.58 37.06
N ALA A 126 -1.18 -5.57 37.12
CA ALA A 126 0.05 -5.64 37.88
C ALA A 126 -0.01 -4.62 39.02
N VAL A 127 0.81 -4.86 40.04
CA VAL A 127 0.84 -3.95 41.17
C VAL A 127 1.54 -2.65 40.78
N GLY A 128 1.22 -1.59 41.50
CA GLY A 128 1.86 -0.32 41.26
C GLY A 128 3.22 -0.23 41.93
N SER A 129 4.07 0.64 41.40
CA SER A 129 5.36 0.90 42.02
C SER A 129 5.24 1.75 43.27
N ASN A 130 4.15 2.49 43.42
CA ASN A 130 3.92 3.26 44.64
C ASN A 130 3.64 2.35 45.83
N ASN A 131 2.89 1.27 45.60
CA ASN A 131 2.63 0.32 46.68
C ASN A 131 3.87 -0.51 47.00
N SER A 132 4.58 -0.97 45.95
CA SER A 132 5.77 -1.82 46.02
C SER A 132 5.53 -3.13 46.77
N THR A 133 4.29 -3.61 46.78
CA THR A 133 3.91 -4.84 47.45
C THR A 133 3.09 -5.67 46.48
N TYR A 134 3.24 -6.99 46.54
CA TYR A 134 2.51 -7.87 45.62
C TYR A 134 1.09 -8.11 46.11
N MET A 135 0.95 -8.71 47.30
CA MET A 135 -0.28 -8.86 48.09
C MET A 135 -1.29 -9.83 47.45
N GLY A 136 -1.01 -10.30 46.24
CA GLY A 136 -1.97 -11.09 45.49
C GLY A 136 -2.75 -10.25 44.51
N LEU A 137 -3.19 -10.89 43.43
CA LEU A 137 -3.88 -10.20 42.35
C LEU A 137 -5.38 -10.15 42.65
N PRO A 138 -5.97 -8.98 42.86
CA PRO A 138 -7.40 -8.92 43.14
C PRO A 138 -8.22 -9.00 41.86
N ASP A 139 -9.47 -9.44 42.02
CA ASP A 139 -10.37 -9.51 40.88
C ASP A 139 -10.87 -8.11 40.50
N LEU A 140 -11.17 -7.94 39.22
CA LEU A 140 -11.63 -6.66 38.70
C LEU A 140 -12.35 -6.91 37.39
N THR A 141 -13.69 -6.80 37.40
CA THR A 141 -14.44 -6.90 36.17
C THR A 141 -14.36 -5.60 35.40
N LEU A 142 -14.31 -5.69 34.08
CA LEU A 142 -14.17 -4.53 33.21
C LEU A 142 -15.36 -4.46 32.27
N GLN A 143 -16.00 -3.29 32.20
CA GLN A 143 -17.08 -3.06 31.26
C GLN A 143 -16.45 -2.44 30.03
N ALA A 144 -16.28 -3.25 28.99
CA ALA A 144 -15.61 -2.81 27.76
C ALA A 144 -16.68 -2.34 26.78
N MET A 145 -16.78 -1.03 26.59
CA MET A 145 -17.78 -0.45 25.71
C MET A 145 -17.15 -0.16 24.35
N PHE A 146 -17.86 -0.47 23.28
CA PHE A 146 -17.59 0.15 22.00
C PHE A 146 -18.56 1.30 21.79
N VAL A 147 -18.02 2.48 21.48
CA VAL A 147 -18.78 3.65 21.10
C VAL A 147 -18.78 3.73 19.58
N PRO A 148 -19.93 3.67 18.91
CA PRO A 148 -19.95 3.84 17.46
C PRO A 148 -19.75 5.29 17.07
N THR A 149 -19.64 5.51 15.76
CA THR A 149 -19.45 6.84 15.23
C THR A 149 -20.71 7.68 15.44
N GLY A 150 -20.54 8.86 16.01
CA GLY A 150 -21.66 9.74 16.30
C GLY A 150 -22.07 9.66 17.75
N ALA A 151 -21.93 8.48 18.35
CA ALA A 151 -22.24 8.30 19.76
C ALA A 151 -21.18 8.96 20.63
N LEU A 152 -21.59 9.33 21.84
CA LEU A 152 -20.71 10.06 22.73
C LEU A 152 -19.75 9.11 23.45
N THR A 153 -18.59 9.67 23.84
CA THR A 153 -17.53 8.96 24.54
C THR A 153 -17.48 9.40 26.01
N PRO A 154 -17.18 8.50 26.93
CA PRO A 154 -17.13 8.88 28.34
C PRO A 154 -15.90 9.71 28.67
N GLU A 155 -15.99 10.45 29.79
CA GLU A 155 -14.89 11.29 30.25
C GLU A 155 -14.42 10.95 31.65
N LYS A 156 -15.18 10.16 32.40
CA LYS A 156 -14.83 9.72 33.74
C LYS A 156 -14.95 8.21 33.81
N GLN A 157 -14.61 7.64 34.96
CA GLN A 157 -14.91 6.24 35.17
C GLN A 157 -16.41 6.04 35.43
N ASP A 158 -17.01 6.91 36.25
CA ASP A 158 -18.46 6.94 36.43
C ASP A 158 -19.00 8.13 35.64
N SER A 159 -19.08 7.94 34.32
CA SER A 159 -19.28 9.06 33.41
C SER A 159 -20.68 9.14 32.82
N PHE A 160 -21.64 8.36 33.33
CA PHE A 160 -23.08 8.36 33.01
C PHE A 160 -23.35 7.83 31.59
N HIS A 161 -22.32 7.61 30.77
CA HIS A 161 -22.49 6.99 29.47
C HIS A 161 -22.28 5.48 29.52
N TRP A 162 -21.84 4.95 30.65
CA TRP A 162 -21.49 3.53 30.77
C TRP A 162 -22.72 2.64 30.84
N GLN A 163 -23.90 3.22 31.05
CA GLN A 163 -25.14 2.45 31.02
C GLN A 163 -25.44 1.92 29.62
N SER A 164 -25.12 2.70 28.58
CA SER A 164 -25.11 2.30 27.17
C SER A 164 -26.49 1.81 26.71
N GLY A 165 -27.43 2.75 26.72
CA GLY A 165 -28.78 2.43 26.25
C GLY A 165 -28.84 2.07 24.78
N SER A 166 -28.02 2.75 23.96
CA SER A 166 -27.85 2.39 22.57
C SER A 166 -26.53 1.68 22.31
N ASN A 167 -25.49 2.02 23.07
CA ASN A 167 -24.16 1.49 22.80
C ASN A 167 -24.06 0.03 23.22
N ALA A 168 -23.02 -0.64 22.73
CA ALA A 168 -22.80 -2.04 23.03
C ALA A 168 -21.57 -2.18 23.92
N SER A 169 -21.75 -2.77 25.09
CA SER A 169 -20.67 -3.01 26.03
C SER A 169 -20.69 -4.47 26.44
N VAL A 170 -19.51 -5.01 26.72
CA VAL A 170 -19.37 -6.40 27.14
C VAL A 170 -18.82 -6.44 28.56
N PHE A 171 -19.13 -7.53 29.25
CA PHE A 171 -18.72 -7.75 30.63
C PHE A 171 -17.75 -8.93 30.69
N PHE A 172 -16.67 -8.76 31.43
CA PHE A 172 -15.68 -9.82 31.61
C PHE A 172 -14.86 -9.50 32.84
N LYS A 173 -14.08 -10.48 33.28
CA LYS A 173 -13.21 -10.34 34.43
C LYS A 173 -11.75 -10.50 34.02
N VAL A 174 -10.87 -10.03 34.90
CA VAL A 174 -9.44 -10.24 34.67
C VAL A 174 -9.07 -11.70 34.88
N SER A 175 -9.80 -12.39 35.77
CA SER A 175 -9.57 -13.81 36.02
C SER A 175 -10.50 -14.67 35.16
N ASP A 176 -10.35 -14.48 33.85
CA ASP A 176 -11.22 -15.08 32.84
C ASP A 176 -10.34 -14.93 31.60
N PRO A 177 -10.35 -15.88 30.66
CA PRO A 177 -9.58 -15.73 29.41
C PRO A 177 -10.00 -14.50 28.63
N PRO A 178 -9.14 -13.97 27.76
CA PRO A 178 -9.38 -12.71 27.17
C PRO A 178 -10.65 -12.51 26.32
N ALA A 179 -11.04 -11.25 26.22
CA ALA A 179 -12.38 -10.92 25.77
C ALA A 179 -12.43 -10.97 24.24
N ARG A 180 -13.09 -12.00 23.71
CA ARG A 180 -13.16 -12.21 22.26
C ARG A 180 -14.58 -11.91 21.81
N MET A 181 -14.75 -10.76 21.16
CA MET A 181 -15.99 -10.47 20.45
C MET A 181 -15.63 -9.98 19.06
N THR A 182 -16.64 -9.75 18.23
CA THR A 182 -16.41 -9.43 16.83
C THR A 182 -17.12 -8.13 16.50
N ILE A 183 -16.33 -7.08 16.31
CA ILE A 183 -16.86 -5.77 15.89
C ILE A 183 -17.49 -5.91 14.52
N PRO A 184 -18.76 -5.54 14.37
CA PRO A 184 -19.39 -5.58 13.05
C PRO A 184 -18.77 -4.56 12.12
N PHE A 185 -18.79 -4.89 10.84
CA PHE A 185 -18.36 -3.95 9.81
C PHE A 185 -19.38 -2.83 9.78
N MET A 186 -19.08 -1.72 10.43
CA MET A 186 -20.10 -0.72 10.73
C MET A 186 -20.06 0.53 9.88
N CYS A 187 -19.06 0.66 9.00
CA CYS A 187 -18.87 1.93 8.31
C CYS A 187 -19.93 2.17 7.25
N ILE A 188 -20.17 3.45 6.95
CA ILE A 188 -21.18 3.82 5.97
C ILE A 188 -20.75 3.40 4.57
N ASN A 189 -19.47 3.58 4.25
CA ASN A 189 -18.94 3.10 2.99
C ASN A 189 -18.85 1.58 3.01
N SER A 190 -18.74 0.99 1.83
CA SER A 190 -18.78 -0.47 1.71
C SER A 190 -17.44 -1.13 2.02
N ALA A 191 -16.42 -0.36 2.38
CA ALA A 191 -15.16 -0.92 2.85
C ALA A 191 -14.46 0.10 3.72
N TYR A 192 -13.43 -0.35 4.43
CA TYR A 192 -12.64 0.55 5.27
C TYR A 192 -11.57 1.17 4.39
N SER A 193 -11.80 2.41 3.96
CA SER A 193 -10.77 3.19 3.29
C SER A 193 -9.78 3.62 4.36
N VAL A 194 -8.68 2.88 4.44
CA VAL A 194 -7.65 3.18 5.44
C VAL A 194 -6.95 4.49 5.11
N PHE A 195 -6.97 4.87 3.84
CA PHE A 195 -6.55 6.17 3.38
C PHE A 195 -7.75 7.05 3.01
N TYR A 196 -7.50 8.36 2.92
CA TYR A 196 -8.49 9.30 2.42
C TYR A 196 -7.78 10.45 1.71
N ASP A 197 -7.76 10.37 0.38
CA ASP A 197 -7.29 11.44 -0.48
C ASP A 197 -8.39 12.48 -0.63
N GLY A 198 -8.56 13.24 0.44
CA GLY A 198 -9.65 14.18 0.55
C GLY A 198 -9.72 14.66 1.98
N PHE A 199 -10.77 15.41 2.28
CA PHE A 199 -10.89 16.03 3.59
C PHE A 199 -12.23 15.63 4.19
N ALA A 200 -12.22 15.42 5.50
CA ALA A 200 -13.42 14.94 6.19
C ALA A 200 -14.54 15.97 6.15
N GLY A 201 -14.19 17.23 6.33
CA GLY A 201 -15.19 18.28 6.27
C GLY A 201 -15.08 19.11 5.02
N PHE A 202 -16.12 19.88 4.74
CA PHE A 202 -16.12 20.76 3.57
C PHE A 202 -15.42 22.08 3.85
N GLU A 203 -14.98 22.32 5.08
CA GLU A 203 -14.14 23.46 5.38
C GLU A 203 -12.70 23.18 4.96
N LYS A 204 -11.92 24.26 4.85
CA LYS A 204 -10.54 24.12 4.40
C LYS A 204 -9.65 23.51 5.47
N ASN A 205 -9.93 23.82 6.74
CA ASN A 205 -9.08 23.33 7.83
C ASN A 205 -9.39 21.92 8.25
N GLY A 206 -10.23 21.18 7.51
CA GLY A 206 -10.43 19.77 7.82
C GLY A 206 -9.17 18.96 7.59
N LEU A 207 -8.98 17.95 8.42
CA LEU A 207 -7.76 17.17 8.39
C LEU A 207 -7.74 16.25 7.17
N TYR A 208 -6.57 16.15 6.54
CA TYR A 208 -6.38 15.28 5.40
C TYR A 208 -6.13 13.85 5.87
N GLY A 209 -6.76 12.91 5.19
CA GLY A 209 -6.55 11.51 5.48
C GLY A 209 -7.55 10.86 6.41
N ILE A 210 -8.48 11.62 6.97
CA ILE A 210 -9.42 11.10 7.97
C ILE A 210 -10.78 10.94 7.33
N ASN A 211 -11.40 9.79 7.59
CA ASN A 211 -12.73 9.51 7.07
C ASN A 211 -13.77 9.91 8.10
N PRO A 212 -14.84 10.61 7.72
CA PRO A 212 -15.99 10.73 8.60
C PRO A 212 -16.86 9.48 8.64
N ALA A 213 -16.46 8.41 7.94
CA ALA A 213 -17.18 7.16 7.97
C ALA A 213 -16.39 5.97 8.47
N ASP A 214 -15.05 5.97 8.37
CA ASP A 214 -14.26 4.83 8.77
C ASP A 214 -13.69 4.97 10.18
N THR A 215 -14.04 6.03 10.90
CA THR A 215 -13.77 6.03 12.33
C THR A 215 -14.61 4.92 12.93
N ILE A 216 -13.95 3.83 13.35
CA ILE A 216 -14.65 2.63 13.80
C ILE A 216 -15.43 2.93 15.06
N GLY A 217 -14.83 3.65 15.99
CA GLY A 217 -15.54 4.05 17.17
C GLY A 217 -14.55 4.49 18.23
N ASN A 218 -14.87 4.15 19.48
CA ASN A 218 -13.97 4.36 20.60
C ASN A 218 -14.11 3.13 21.50
N LEU A 219 -13.03 2.36 21.64
CA LEU A 219 -13.05 1.16 22.47
C LEU A 219 -12.62 1.59 23.87
N CYS A 220 -13.62 1.86 24.70
CA CYS A 220 -13.41 2.51 25.98
C CYS A 220 -13.54 1.46 27.07
N VAL A 221 -12.49 1.30 27.86
CA VAL A 221 -12.43 0.25 28.88
C VAL A 221 -12.17 0.93 30.22
N ARG A 222 -12.99 0.60 31.21
CA ARG A 222 -12.90 1.26 32.50
C ARG A 222 -12.82 0.22 33.61
N ILE A 223 -12.79 0.70 34.83
CA ILE A 223 -13.01 -0.09 36.03
C ILE A 223 -14.43 0.21 36.47
N VAL A 224 -15.36 -0.72 36.24
CA VAL A 224 -16.73 -0.51 36.70
C VAL A 224 -16.79 -0.58 38.22
N ASN A 225 -15.93 -1.39 38.83
CA ASN A 225 -15.81 -1.42 40.28
C ASN A 225 -15.19 -0.12 40.79
N GLU A 226 -15.35 0.11 42.09
CA GLU A 226 -14.80 1.30 42.71
C GLU A 226 -13.27 1.21 42.83
N HIS A 227 -12.68 2.33 43.22
CA HIS A 227 -11.23 2.40 43.36
C HIS A 227 -10.76 1.56 44.55
N GLN A 228 -9.57 1.01 44.43
CA GLN A 228 -8.88 0.31 45.50
C GLN A 228 -7.93 1.25 46.22
N PRO A 229 -7.75 1.09 47.54
CA PRO A 229 -6.68 1.82 48.23
C PRO A 229 -5.29 1.47 47.75
N ILE A 230 -5.08 0.28 47.19
CA ILE A 230 -3.82 -0.12 46.60
C ILE A 230 -3.93 0.07 45.09
N GLY A 231 -3.00 0.82 44.51
CA GLY A 231 -3.05 1.10 43.09
C GLY A 231 -2.63 -0.10 42.25
N PHE A 232 -3.16 -0.16 41.03
CA PHE A 232 -2.85 -1.25 40.13
C PHE A 232 -2.75 -0.75 38.70
N THR A 233 -1.62 -1.03 38.05
CA THR A 233 -1.46 -0.68 36.64
C THR A 233 -2.08 -1.81 35.84
N VAL A 234 -3.16 -1.51 35.13
CA VAL A 234 -3.81 -2.53 34.30
C VAL A 234 -3.33 -2.33 32.87
N THR A 235 -2.54 -3.27 32.38
CA THR A 235 -2.09 -3.27 31.00
C THR A 235 -3.18 -3.95 30.18
N VAL A 236 -3.90 -3.14 29.41
CA VAL A 236 -4.91 -3.63 28.48
C VAL A 236 -4.26 -3.72 27.11
N ARG A 237 -4.21 -4.92 26.56
CA ARG A 237 -3.67 -5.16 25.23
C ARG A 237 -4.82 -5.45 24.28
N VAL A 238 -4.82 -4.76 23.14
CA VAL A 238 -5.90 -4.83 22.18
C VAL A 238 -5.39 -5.59 20.96
N TYR A 239 -6.12 -6.63 20.57
CA TYR A 239 -5.73 -7.50 19.47
C TYR A 239 -6.80 -7.46 18.39
N MET A 240 -6.38 -7.21 17.16
CA MET A 240 -7.27 -7.19 16.02
C MET A 240 -7.10 -8.48 15.22
N LYS A 241 -8.18 -9.24 15.11
CA LYS A 241 -8.28 -10.37 14.21
C LYS A 241 -9.32 -10.02 13.17
N PRO A 242 -8.92 -9.40 12.07
CA PRO A 242 -9.90 -9.12 11.01
C PRO A 242 -10.25 -10.41 10.30
N LYS A 243 -11.50 -10.82 10.44
CA LYS A 243 -12.05 -11.95 9.72
C LYS A 243 -12.93 -11.45 8.60
N HIS A 244 -13.21 -12.34 7.64
CA HIS A 244 -13.95 -12.04 6.40
C HIS A 244 -13.28 -10.90 5.63
N ILE A 245 -12.04 -11.12 5.22
CA ILE A 245 -11.30 -10.09 4.49
C ILE A 245 -11.87 -9.95 3.09
N LYS A 246 -12.29 -8.74 2.76
CA LYS A 246 -12.65 -8.35 1.41
C LYS A 246 -11.70 -7.21 1.05
N ALA A 247 -10.61 -7.55 0.39
CA ALA A 247 -9.55 -6.60 0.05
C ALA A 247 -9.70 -6.11 -1.37
N TRP A 248 -9.28 -4.88 -1.60
CA TRP A 248 -9.40 -4.29 -2.93
C TRP A 248 -8.19 -3.43 -3.24
N ALA A 249 -7.74 -3.50 -4.51
CA ALA A 249 -6.77 -2.61 -5.15
C ALA A 249 -5.46 -2.52 -4.38
N PRO A 250 -4.56 -3.49 -4.53
CA PRO A 250 -3.33 -3.50 -3.73
C PRO A 250 -2.42 -2.30 -3.98
N ARG A 251 -1.81 -1.81 -2.90
CA ARG A 251 -0.81 -0.76 -2.82
C ARG A 251 0.56 -1.33 -2.49
N PRO A 252 1.63 -0.65 -2.88
CA PRO A 252 2.96 -1.01 -2.41
C PRO A 252 3.08 -0.97 -0.90
N PRO A 253 3.82 -1.93 -0.35
CA PRO A 253 4.18 -1.86 1.07
C PRO A 253 5.02 -0.63 1.37
N ARG A 254 4.81 -0.09 2.55
CA ARG A 254 5.47 1.14 2.95
C ARG A 254 6.95 0.87 3.25
N THR A 255 7.82 1.73 2.72
CA THR A 255 9.26 1.60 2.92
C THR A 255 9.81 2.55 3.96
N LEU A 256 9.41 3.82 3.92
CA LEU A 256 9.97 4.77 4.86
C LEU A 256 9.22 4.71 6.19
N PRO A 257 9.89 5.01 7.31
CA PRO A 257 9.22 4.96 8.61
C PRO A 257 8.17 6.04 8.77
N TYR A 258 7.20 5.75 9.64
CA TYR A 258 6.11 6.68 9.92
C TYR A 258 6.52 7.65 11.02
N MET A 259 5.81 8.76 11.07
CA MET A 259 5.93 9.68 12.18
C MET A 259 4.58 10.04 12.77
N SER A 260 3.54 10.06 11.96
CA SER A 260 2.19 10.41 12.40
C SER A 260 1.26 9.25 12.07
N ILE A 261 0.37 8.93 13.01
CA ILE A 261 -0.57 7.84 12.82
C ILE A 261 -1.61 8.21 11.77
N ALA A 262 -2.05 9.48 11.79
CA ALA A 262 -3.20 9.89 10.98
C ALA A 262 -2.84 9.94 9.50
N ASN A 263 -1.74 10.57 9.14
CA ASN A 263 -1.37 10.75 7.75
C ASN A 263 -0.42 9.64 7.31
N ALA A 264 0.13 9.80 6.12
CA ALA A 264 1.13 8.88 5.56
C ALA A 264 2.35 9.67 5.09
N ASN A 265 2.85 10.55 5.96
CA ASN A 265 4.06 11.29 5.66
C ASN A 265 5.28 10.37 5.70
N TYR A 266 6.38 10.84 5.14
CA TYR A 266 7.56 10.01 4.94
C TYR A 266 8.81 10.79 5.31
N LYS A 267 9.78 10.07 5.86
CA LYS A 267 11.11 10.61 6.16
C LYS A 267 12.12 9.49 6.28
N ASN B 30 -3.31 -0.16 -26.91
CA ASN B 30 -4.28 -0.97 -26.18
C ASN B 30 -4.53 -0.38 -24.79
N TYR B 31 -5.78 -0.46 -24.35
CA TYR B 31 -6.12 0.01 -23.02
C TYR B 31 -5.77 -1.03 -21.96
N CYS B 32 -5.61 -0.55 -20.74
CA CYS B 32 -5.26 -1.38 -19.58
C CYS B 32 -6.23 -1.06 -18.45
N CYS B 33 -7.51 -1.34 -18.72
CA CYS B 33 -8.61 -1.27 -17.76
C CYS B 33 -8.21 -1.84 -16.40
N ALA B 34 -8.55 -1.09 -15.35
CA ALA B 34 -8.06 -1.37 -14.01
C ALA B 34 -8.62 -2.68 -13.47
N TYR B 35 -7.70 -3.63 -13.27
CA TYR B 35 -8.00 -4.96 -12.72
C TYR B 35 -8.99 -5.74 -13.59
N GLY B 36 -8.98 -5.47 -14.88
CA GLY B 36 -9.74 -6.24 -15.86
C GLY B 36 -11.24 -6.15 -15.75
N GLU B 37 -11.79 -4.94 -15.55
CA GLU B 37 -13.24 -4.79 -15.52
C GLU B 37 -13.59 -3.44 -16.14
N TRP B 38 -14.64 -3.42 -16.95
CA TRP B 38 -15.10 -2.22 -17.63
C TRP B 38 -16.00 -1.40 -16.72
N PRO B 39 -15.89 -0.08 -16.72
CA PRO B 39 -16.72 0.74 -15.83
C PRO B 39 -18.15 0.81 -16.34
N ASN B 40 -19.07 1.13 -15.42
CA ASN B 40 -20.49 1.10 -15.73
C ASN B 40 -21.23 2.01 -14.77
N TYR B 41 -22.54 2.04 -14.92
CA TYR B 41 -23.40 2.85 -14.07
C TYR B 41 -23.56 2.20 -12.69
N LEU B 42 -24.26 2.89 -11.82
CA LEU B 42 -24.52 2.38 -10.49
C LEU B 42 -25.57 1.28 -10.55
N PRO B 43 -25.32 0.12 -9.96
CA PRO B 43 -26.38 -0.90 -9.87
C PRO B 43 -27.38 -0.56 -8.78
N ASP B 44 -28.51 -1.25 -8.82
CA ASP B 44 -29.54 -1.05 -7.81
C ASP B 44 -29.23 -1.73 -6.48
N ALA B 59 -22.90 13.53 -22.24
CA ALA B 59 -23.03 14.85 -21.65
C ALA B 59 -21.66 15.40 -21.28
N THR B 60 -21.00 14.74 -20.33
CA THR B 60 -19.67 15.13 -19.87
C THR B 60 -18.62 14.10 -20.25
N ASP B 61 -18.80 13.42 -21.38
CA ASP B 61 -17.83 12.45 -21.88
C ASP B 61 -16.81 13.06 -22.83
N ARG B 62 -16.75 14.39 -22.90
CA ARG B 62 -15.76 15.07 -23.71
C ARG B 62 -14.37 14.83 -23.11
N PHE B 63 -13.40 14.57 -23.97
CA PHE B 63 -12.03 14.33 -23.54
C PHE B 63 -11.44 15.64 -23.06
N TYR B 64 -11.41 15.84 -21.74
CA TYR B 64 -10.96 17.11 -21.17
C TYR B 64 -9.44 17.09 -21.18
N THR B 65 -8.86 17.56 -22.28
CA THR B 65 -7.41 17.61 -22.41
C THR B 65 -6.85 18.71 -21.51
N LEU B 66 -5.83 18.37 -20.75
CA LEU B 66 -5.24 19.34 -19.83
C LEU B 66 -4.15 20.12 -20.54
N LYS B 67 -3.64 21.13 -19.83
CA LYS B 67 -2.47 21.82 -20.32
C LYS B 67 -1.26 20.93 -20.14
N SER B 68 -0.65 20.56 -21.27
CA SER B 68 0.38 19.52 -21.27
C SER B 68 1.67 20.03 -20.64
N VAL B 69 2.23 19.22 -19.74
CA VAL B 69 3.37 19.63 -18.94
C VAL B 69 4.65 19.37 -19.71
N LYS B 70 5.63 20.24 -19.54
CA LYS B 70 6.94 20.06 -20.15
C LYS B 70 7.68 18.94 -19.41
N TRP B 71 8.06 17.90 -20.14
CA TRP B 71 8.91 16.85 -19.60
C TRP B 71 10.35 17.23 -19.88
N GLU B 72 11.16 17.32 -18.82
CA GLU B 72 12.57 17.63 -18.89
C GLU B 72 13.38 16.46 -18.34
N THR B 73 14.70 16.60 -18.39
CA THR B 73 15.56 15.62 -17.72
C THR B 73 15.39 15.68 -16.21
N GLU B 74 15.26 16.88 -15.67
CA GLU B 74 15.16 17.10 -14.24
C GLU B 74 13.71 17.08 -13.76
N SER B 75 12.77 16.72 -14.62
CA SER B 75 11.36 16.62 -14.24
C SER B 75 11.15 15.47 -13.27
N THR B 76 10.60 15.78 -12.10
CA THR B 76 10.40 14.75 -11.09
C THR B 76 9.21 13.86 -11.41
N GLY B 77 8.14 14.45 -11.91
CA GLY B 77 6.89 13.74 -12.16
C GLY B 77 5.72 14.62 -11.79
N TRP B 78 4.58 14.32 -12.39
CA TRP B 78 3.39 15.14 -12.19
C TRP B 78 2.20 14.25 -11.86
N TRP B 79 1.46 14.65 -10.83
CA TRP B 79 0.28 13.91 -10.42
C TRP B 79 -0.94 14.80 -10.57
N TRP B 80 -2.00 14.23 -11.10
CA TRP B 80 -3.31 14.87 -11.23
C TRP B 80 -4.34 14.04 -10.49
N LYS B 81 -4.88 14.59 -9.42
CA LYS B 81 -5.89 13.89 -8.63
C LYS B 81 -7.24 14.03 -9.32
N LEU B 82 -8.00 12.95 -9.35
CA LEU B 82 -9.28 12.93 -10.05
C LEU B 82 -10.40 12.82 -9.04
N PRO B 83 -11.42 13.66 -9.13
CA PRO B 83 -11.72 14.61 -10.20
C PRO B 83 -11.16 16.00 -9.98
N ASP B 84 -10.15 16.17 -9.11
CA ASP B 84 -9.62 17.50 -8.83
C ASP B 84 -8.91 18.09 -10.04
N ALA B 85 -8.36 17.23 -10.90
CA ALA B 85 -7.81 17.72 -12.16
C ALA B 85 -8.90 18.22 -13.11
N LEU B 86 -10.15 17.82 -12.88
CA LEU B 86 -11.26 18.25 -13.72
C LEU B 86 -12.36 18.90 -12.90
N ASN B 87 -12.01 19.38 -11.70
CA ASN B 87 -12.99 20.03 -10.83
C ASN B 87 -13.42 21.39 -11.35
N ASN B 88 -12.56 22.08 -12.09
CA ASN B 88 -12.82 23.45 -12.49
C ASN B 88 -12.96 23.64 -13.99
N ILE B 89 -12.84 22.58 -14.79
CA ILE B 89 -12.87 22.70 -16.24
C ILE B 89 -14.04 21.88 -16.78
N GLY B 90 -14.82 22.50 -17.66
CA GLY B 90 -15.82 21.77 -18.42
C GLY B 90 -17.13 21.58 -17.71
N MET B 91 -18.04 20.91 -18.43
CA MET B 91 -19.39 20.70 -17.93
C MET B 91 -19.35 19.72 -16.76
N PHE B 92 -18.41 18.77 -16.80
CA PHE B 92 -18.13 17.92 -15.65
C PHE B 92 -17.62 18.73 -14.47
N GLY B 93 -16.80 19.75 -14.75
CA GLY B 93 -16.33 20.62 -13.68
C GLY B 93 -17.46 21.41 -13.05
N GLN B 94 -18.43 21.82 -13.85
CA GLN B 94 -19.60 22.49 -13.28
C GLN B 94 -20.51 21.49 -12.57
N ASN B 95 -20.53 20.24 -13.02
CA ASN B 95 -21.32 19.21 -12.35
C ASN B 95 -20.71 18.84 -11.00
N VAL B 96 -19.41 19.04 -10.86
CA VAL B 96 -18.75 18.84 -9.56
C VAL B 96 -19.31 19.80 -8.52
N GLN B 97 -19.43 21.08 -8.89
CA GLN B 97 -19.95 22.07 -7.95
C GLN B 97 -21.45 21.92 -7.77
N HIS B 98 -22.17 21.64 -8.86
CA HIS B 98 -23.63 21.64 -8.82
C HIS B 98 -24.21 20.41 -8.14
N HIS B 99 -23.42 19.40 -7.80
CA HIS B 99 -23.94 18.18 -7.20
C HIS B 99 -23.17 17.84 -5.94
N TYR B 100 -23.91 17.48 -4.89
CA TYR B 100 -23.28 17.09 -3.64
C TYR B 100 -22.63 15.72 -3.74
N LEU B 101 -23.16 14.83 -4.58
CA LEU B 101 -22.61 13.50 -4.75
C LEU B 101 -22.44 13.21 -6.23
N TYR B 102 -21.57 12.24 -6.53
CA TYR B 102 -21.20 11.95 -7.92
C TYR B 102 -20.61 10.55 -8.00
N ARG B 103 -20.65 9.98 -9.20
CA ARG B 103 -19.82 8.84 -9.53
C ARG B 103 -19.40 8.97 -10.99
N SER B 104 -18.20 8.48 -11.31
CA SER B 104 -17.65 8.63 -12.66
C SER B 104 -16.48 7.67 -12.85
N GLY B 105 -16.43 7.02 -14.00
CA GLY B 105 -15.19 6.45 -14.47
C GLY B 105 -14.41 7.44 -15.31
N PHE B 106 -13.14 7.15 -15.54
CA PHE B 106 -12.28 8.06 -16.29
C PHE B 106 -11.47 7.29 -17.33
N LEU B 107 -11.50 7.76 -18.57
CA LEU B 107 -10.70 7.16 -19.64
C LEU B 107 -9.47 8.04 -19.80
N ILE B 108 -8.43 7.70 -19.06
CA ILE B 108 -7.16 8.41 -19.06
C ILE B 108 -6.48 8.15 -20.40
N HIS B 109 -6.00 9.21 -21.05
CA HIS B 109 -5.19 9.03 -22.25
C HIS B 109 -4.01 9.99 -22.17
N VAL B 110 -2.81 9.44 -22.03
CA VAL B 110 -1.60 10.25 -22.03
C VAL B 110 -0.92 10.14 -23.40
N GLN B 111 -0.52 11.28 -23.94
CA GLN B 111 0.13 11.38 -25.23
C GLN B 111 1.51 11.99 -25.03
N CYS B 112 2.53 11.31 -25.53
CA CYS B 112 3.89 11.82 -25.54
C CYS B 112 4.31 11.89 -26.99
N ASN B 113 3.98 12.99 -27.65
CA ASN B 113 4.40 13.16 -29.04
C ASN B 113 5.89 13.47 -29.03
N ALA B 114 6.66 12.61 -29.70
CA ALA B 114 8.10 12.67 -29.62
C ALA B 114 8.69 12.27 -30.95
N THR B 115 9.92 12.69 -31.18
CA THR B 115 10.71 12.09 -32.24
C THR B 115 11.07 10.67 -31.85
N LYS B 116 11.37 9.85 -32.86
CA LYS B 116 11.81 8.50 -32.57
C LYS B 116 13.21 8.47 -32.00
N PHE B 117 13.97 9.56 -32.16
CA PHE B 117 15.27 9.68 -31.53
C PHE B 117 15.18 10.08 -30.07
N HIS B 118 14.01 10.50 -29.60
CA HIS B 118 13.84 10.83 -28.19
C HIS B 118 13.86 9.58 -27.35
N GLN B 119 14.24 9.74 -26.08
CA GLN B 119 14.35 8.65 -25.14
C GLN B 119 13.54 8.93 -23.89
N GLY B 120 12.82 7.92 -23.42
CA GLY B 120 12.23 8.01 -22.11
C GLY B 120 10.97 7.18 -21.91
N ALA B 121 10.86 6.55 -20.75
CA ALA B 121 9.63 5.88 -20.36
C ALA B 121 9.09 6.53 -19.10
N LEU B 122 7.81 6.86 -19.13
CA LEU B 122 7.11 7.35 -17.96
C LEU B 122 6.22 6.25 -17.43
N LEU B 123 6.27 6.04 -16.12
CA LEU B 123 5.22 5.29 -15.46
C LEU B 123 3.99 6.16 -15.50
N VAL B 124 2.99 5.76 -16.29
CA VAL B 124 1.65 6.25 -16.05
C VAL B 124 0.98 5.27 -15.10
N VAL B 125 0.77 5.72 -13.86
CA VAL B 125 0.07 4.95 -12.86
C VAL B 125 -1.12 5.75 -12.37
N ALA B 126 -2.28 5.15 -12.40
CA ALA B 126 -3.46 5.73 -11.79
C ALA B 126 -3.58 5.07 -10.43
N ILE B 127 -3.07 5.75 -9.41
CA ILE B 127 -3.14 5.26 -8.04
C ILE B 127 -4.59 5.22 -7.60
N PRO B 128 -5.09 4.10 -7.12
CA PRO B 128 -6.35 4.13 -6.38
C PRO B 128 -6.12 4.74 -5.01
N GLU B 129 -6.69 5.93 -4.79
CA GLU B 129 -6.75 6.58 -3.48
C GLU B 129 -5.33 6.87 -2.94
N HIS B 130 -4.71 7.87 -3.57
CA HIS B 130 -3.35 8.25 -3.23
C HIS B 130 -3.33 9.26 -2.09
N GLN B 131 -3.21 8.77 -0.85
CA GLN B 131 -2.98 9.64 0.29
C GLN B 131 -1.52 10.05 0.29
N ARG B 132 -1.24 11.29 -0.07
CA ARG B 132 0.13 11.76 -0.16
C ARG B 132 0.72 12.04 1.22
N GLY B 133 2.03 12.28 1.23
CA GLY B 133 2.71 12.71 2.43
C GLY B 133 3.77 13.76 2.09
N ALA B 134 4.25 14.42 3.13
CA ALA B 134 5.28 15.44 2.99
C ALA B 134 6.57 14.94 3.63
N HIS B 135 7.70 15.35 3.06
CA HIS B 135 8.98 14.86 3.54
C HIS B 135 9.36 15.55 4.86
N ASN B 136 9.81 14.74 5.82
CA ASN B 136 10.44 15.15 7.07
C ASN B 136 9.51 15.92 8.00
N THR B 137 8.21 15.94 7.74
CA THR B 137 7.27 16.63 8.61
C THR B 137 6.23 15.64 9.10
N THR B 138 5.78 15.82 10.35
CA THR B 138 4.67 15.04 10.87
C THR B 138 3.32 15.67 10.55
N THR B 139 3.31 16.87 9.98
CA THR B 139 2.06 17.55 9.68
C THR B 139 1.37 16.90 8.49
N SER B 140 0.05 16.79 8.58
CA SER B 140 -0.73 16.34 7.43
C SER B 140 -0.67 17.40 6.33
N PRO B 141 -0.50 17.01 5.07
CA PRO B 141 -0.44 18.00 3.99
C PRO B 141 -1.79 18.64 3.76
N GLY B 142 -1.78 19.95 3.51
CA GLY B 142 -2.98 20.75 3.53
C GLY B 142 -3.70 20.80 2.20
N PHE B 143 -4.48 21.86 2.03
CA PHE B 143 -5.28 22.04 0.83
C PHE B 143 -4.41 22.26 -0.40
N ASP B 144 -3.47 23.20 -0.31
CA ASP B 144 -2.75 23.63 -1.51
C ASP B 144 -1.74 22.60 -1.97
N ASP B 145 -1.36 21.67 -1.08
CA ASP B 145 -0.46 20.60 -1.48
C ASP B 145 -1.18 19.42 -2.10
N ILE B 146 -2.52 19.42 -2.09
CA ILE B 146 -3.31 18.31 -2.60
C ILE B 146 -4.36 18.79 -3.60
N MET B 147 -5.15 19.81 -3.22
CA MET B 147 -6.15 20.42 -4.11
C MET B 147 -5.45 21.33 -5.13
N LYS B 148 -4.70 20.72 -6.04
CA LYS B 148 -3.90 21.50 -6.97
C LYS B 148 -4.68 21.99 -8.18
N GLY B 149 -5.92 21.55 -8.36
CA GLY B 149 -6.72 22.02 -9.45
C GLY B 149 -6.43 21.28 -10.75
N GLU B 150 -6.67 22.00 -11.86
CA GLU B 150 -6.56 21.39 -13.18
C GLU B 150 -5.10 21.16 -13.55
N GLU B 151 -4.20 22.02 -13.09
CA GLU B 151 -2.79 21.89 -13.46
C GLU B 151 -2.14 20.69 -12.78
N GLY B 152 -2.60 20.33 -11.59
CA GLY B 152 -2.05 19.21 -10.87
C GLY B 152 -0.74 19.57 -10.19
N GLY B 153 -0.31 18.69 -9.29
CA GLY B 153 0.88 18.92 -8.54
C GLY B 153 2.08 18.15 -9.08
N THR B 154 3.25 18.75 -8.92
CA THR B 154 4.50 18.07 -9.19
C THR B 154 4.82 17.12 -8.05
N PHE B 155 5.81 16.27 -8.27
CA PHE B 155 6.20 15.28 -7.27
C PHE B 155 7.40 15.80 -6.49
N ASN B 156 7.32 15.73 -5.17
CA ASN B 156 8.43 16.18 -4.34
C ASN B 156 9.54 15.14 -4.30
N HIS B 157 9.24 13.94 -3.80
CA HIS B 157 10.17 12.82 -3.80
C HIS B 157 9.43 11.63 -4.41
N PRO B 158 9.42 11.53 -5.75
CA PRO B 158 8.56 10.52 -6.38
C PRO B 158 9.07 9.10 -6.25
N TYR B 159 10.32 8.88 -5.83
CA TYR B 159 10.83 7.53 -5.70
C TYR B 159 10.10 6.78 -4.60
N VAL B 160 9.68 7.49 -3.56
CA VAL B 160 8.86 6.89 -2.52
C VAL B 160 7.41 7.24 -2.78
N LEU B 161 7.13 7.79 -3.96
CA LEU B 161 5.82 8.21 -4.46
C LEU B 161 5.16 9.28 -3.60
N ASP B 162 5.95 9.99 -2.77
CA ASP B 162 5.49 11.05 -1.86
C ASP B 162 4.42 10.56 -0.90
N ASP B 163 4.44 9.26 -0.55
CA ASP B 163 3.45 8.74 0.39
C ASP B 163 4.03 7.70 1.34
N GLY B 164 5.34 7.49 1.35
CA GLY B 164 5.96 6.50 2.21
C GLY B 164 6.09 5.12 1.61
N THR B 165 5.38 4.85 0.50
CA THR B 165 5.50 3.58 -0.21
C THR B 165 6.75 3.62 -1.09
N SER B 166 6.84 2.71 -2.06
CA SER B 166 7.89 2.76 -3.06
C SER B 166 7.24 2.78 -4.43
N LEU B 167 7.76 3.63 -5.32
CA LEU B 167 7.28 3.61 -6.69
C LEU B 167 7.74 2.38 -7.44
N ALA B 168 8.80 1.72 -6.94
CA ALA B 168 9.29 0.50 -7.56
C ALA B 168 8.25 -0.61 -7.53
N CYS B 169 7.38 -0.61 -6.52
CA CYS B 169 6.26 -1.53 -6.46
C CYS B 169 4.97 -0.93 -7.02
N ALA B 170 4.99 0.34 -7.41
CA ALA B 170 3.77 1.02 -7.85
C ALA B 170 3.28 0.57 -9.21
N THR B 171 3.87 -0.47 -9.79
CA THR B 171 3.31 -1.14 -10.95
C THR B 171 2.28 -2.19 -10.58
N ILE B 172 1.93 -2.31 -9.29
CA ILE B 172 0.75 -3.08 -8.92
C ILE B 172 -0.54 -2.38 -9.37
N PHE B 173 -0.42 -1.12 -9.76
CA PHE B 173 -1.48 -0.16 -10.03
C PHE B 173 -2.07 -0.38 -11.42
N PRO B 174 -3.15 0.31 -11.74
CA PRO B 174 -3.45 0.60 -13.15
C PRO B 174 -2.28 1.35 -13.76
N HIS B 175 -1.68 0.82 -14.81
CA HIS B 175 -0.36 1.28 -15.22
C HIS B 175 -0.09 0.93 -16.67
N GLN B 176 0.54 1.87 -17.38
CA GLN B 176 1.03 1.60 -18.72
C GLN B 176 2.40 2.24 -18.88
N TRP B 177 2.99 2.10 -20.06
CA TRP B 177 4.31 2.64 -20.32
C TRP B 177 4.28 3.48 -21.57
N ILE B 178 4.99 4.60 -21.56
CA ILE B 178 5.03 5.49 -22.70
C ILE B 178 6.49 5.53 -23.15
N ASN B 179 7.15 4.38 -23.07
CA ASN B 179 8.51 4.25 -23.61
C ASN B 179 8.55 4.63 -25.07
N LEU B 180 9.25 5.72 -25.37
CA LEU B 180 9.23 6.35 -26.68
C LEU B 180 9.94 5.53 -27.75
N ARG B 181 10.64 4.46 -27.37
CA ARG B 181 11.15 3.52 -28.35
C ARG B 181 10.01 2.88 -29.14
N THR B 182 9.00 2.37 -28.43
CA THR B 182 7.86 1.72 -29.08
C THR B 182 6.52 2.39 -28.84
N ASN B 183 6.31 3.03 -27.69
CA ASN B 183 4.98 3.48 -27.28
C ASN B 183 5.02 5.00 -27.18
N ASN B 184 4.27 5.67 -28.04
CA ASN B 184 4.19 7.13 -28.00
C ASN B 184 2.97 7.63 -27.24
N SER B 185 1.96 6.79 -27.05
CA SER B 185 0.72 7.20 -26.41
C SER B 185 0.09 6.02 -25.67
N ALA B 186 -0.21 6.23 -24.40
CA ALA B 186 -0.78 5.18 -23.57
C ALA B 186 -2.15 5.62 -23.07
N THR B 187 -2.95 4.66 -22.64
CA THR B 187 -4.26 4.96 -22.10
C THR B 187 -4.62 3.96 -21.01
N ILE B 188 -5.45 4.41 -20.08
CA ILE B 188 -5.80 3.67 -18.88
C ILE B 188 -7.28 3.89 -18.60
N VAL B 189 -8.02 2.80 -18.38
CA VAL B 189 -9.45 2.89 -18.12
C VAL B 189 -9.65 2.72 -16.62
N LEU B 190 -10.40 3.64 -16.02
CA LEU B 190 -10.59 3.69 -14.57
C LEU B 190 -12.04 3.56 -14.20
N PRO B 191 -12.43 2.51 -13.51
CA PRO B 191 -13.80 2.41 -12.99
C PRO B 191 -13.98 3.24 -11.74
N TRP B 192 -15.15 3.08 -11.13
CA TRP B 192 -15.44 3.70 -9.86
C TRP B 192 -14.58 3.09 -8.77
N MET B 193 -13.75 3.89 -8.12
CA MET B 193 -12.85 3.42 -7.07
C MET B 193 -13.13 4.20 -5.79
N ASN B 194 -14.14 3.77 -5.05
CA ASN B 194 -14.38 4.30 -3.73
C ASN B 194 -15.19 3.29 -2.95
N ALA B 195 -14.88 3.16 -1.65
CA ALA B 195 -15.64 2.28 -0.79
C ALA B 195 -17.08 2.76 -0.67
N ALA B 196 -17.27 4.07 -0.58
CA ALA B 196 -18.62 4.60 -0.70
C ALA B 196 -19.09 4.47 -2.14
N PRO B 197 -20.37 4.15 -2.36
CA PRO B 197 -20.85 3.97 -3.74
C PRO B 197 -20.86 5.24 -4.56
N MET B 198 -21.04 6.40 -3.92
CA MET B 198 -21.23 7.64 -4.66
C MET B 198 -21.03 8.78 -3.66
N ASP B 199 -19.98 9.60 -3.87
CA ASP B 199 -19.59 10.56 -2.84
C ASP B 199 -19.33 11.93 -3.44
N PHE B 200 -18.82 12.84 -2.61
CA PHE B 200 -18.60 14.22 -3.03
C PHE B 200 -17.31 14.33 -3.86
N PRO B 201 -17.34 15.07 -4.96
CA PRO B 201 -16.12 15.25 -5.76
C PRO B 201 -15.15 16.25 -5.17
N LEU B 202 -15.68 17.32 -4.56
CA LEU B 202 -14.88 18.47 -4.20
C LEU B 202 -14.09 18.26 -2.91
N ARG B 203 -14.28 17.14 -2.22
CA ARG B 203 -13.54 16.86 -1.00
C ARG B 203 -13.02 15.42 -0.98
N HIS B 204 -12.83 14.83 -2.15
CA HIS B 204 -12.33 13.46 -2.27
C HIS B 204 -11.74 13.24 -3.65
N ASN B 205 -10.56 12.65 -3.70
CA ASN B 205 -9.95 12.18 -4.93
C ASN B 205 -9.94 10.66 -4.91
N GLN B 206 -10.63 10.06 -5.89
CA GLN B 206 -10.68 8.60 -5.97
C GLN B 206 -9.43 8.05 -6.64
N TRP B 207 -9.17 8.49 -7.86
CA TRP B 207 -7.98 8.12 -8.59
C TRP B 207 -6.98 9.25 -8.49
N THR B 208 -5.72 8.93 -8.79
CA THR B 208 -4.70 9.95 -8.91
C THR B 208 -3.75 9.52 -10.02
N LEU B 209 -3.81 10.22 -11.14
CA LEU B 209 -2.80 10.03 -12.16
C LEU B 209 -1.44 10.46 -11.67
N ALA B 210 -0.43 9.71 -12.07
CA ALA B 210 0.95 10.05 -11.74
C ALA B 210 1.78 9.62 -12.94
N ILE B 211 2.34 10.60 -13.63
CA ILE B 211 3.21 10.38 -14.78
C ILE B 211 4.61 10.67 -14.26
N ILE B 212 5.43 9.65 -14.17
CA ILE B 212 6.73 9.75 -13.52
C ILE B 212 7.82 9.37 -14.52
N PRO B 213 8.84 10.18 -14.69
CA PRO B 213 10.02 9.75 -15.44
C PRO B 213 10.89 8.81 -14.64
N VAL B 214 10.63 7.50 -14.71
CA VAL B 214 11.57 6.53 -14.14
C VAL B 214 12.90 6.60 -14.85
N VAL B 215 12.89 6.90 -16.14
CA VAL B 215 14.10 7.20 -16.90
C VAL B 215 13.94 8.63 -17.41
N PRO B 216 14.88 9.53 -17.13
CA PRO B 216 14.75 10.91 -17.60
C PRO B 216 14.90 11.02 -19.10
N LEU B 217 14.49 12.17 -19.62
CA LEU B 217 14.46 12.41 -21.06
C LEU B 217 15.86 12.42 -21.65
N GLY B 218 15.99 11.92 -22.87
CA GLY B 218 17.25 11.99 -23.56
C GLY B 218 17.13 12.41 -25.02
N THR B 219 17.71 13.57 -25.35
CA THR B 219 17.86 13.97 -26.74
C THR B 219 19.17 14.72 -26.97
N ARG B 220 20.06 14.75 -25.97
CA ARG B 220 21.38 15.39 -25.84
C ARG B 220 21.38 16.91 -26.04
N THR B 221 20.24 17.51 -26.33
CA THR B 221 20.05 18.95 -26.18
C THR B 221 19.34 19.24 -24.86
N VAL B 222 19.94 18.70 -23.80
CA VAL B 222 19.31 18.36 -22.52
C VAL B 222 17.89 17.83 -22.71
N SER B 223 16.89 18.69 -22.95
CA SER B 223 15.54 18.25 -23.29
C SER B 223 14.94 19.23 -24.27
N SER B 224 14.02 18.75 -25.10
CA SER B 224 13.44 19.59 -26.14
C SER B 224 12.04 19.08 -26.49
N MET B 225 11.06 20.00 -26.43
CA MET B 225 9.64 19.81 -26.75
C MET B 225 9.15 18.67 -25.82
N VAL B 226 8.49 17.63 -26.33
CA VAL B 226 7.85 16.51 -25.63
C VAL B 226 6.91 17.08 -24.56
N PRO B 227 5.67 17.36 -24.92
CA PRO B 227 4.67 17.62 -23.89
C PRO B 227 3.95 16.33 -23.50
N ILE B 228 3.34 16.36 -22.33
CA ILE B 228 2.57 15.23 -21.83
C ILE B 228 1.11 15.63 -21.93
N THR B 229 0.48 15.33 -23.06
CA THR B 229 -0.91 15.68 -23.28
C THR B 229 -1.77 14.68 -22.52
N VAL B 230 -2.25 15.09 -21.35
CA VAL B 230 -3.08 14.25 -20.50
C VAL B 230 -4.53 14.64 -20.76
N SER B 231 -5.27 13.75 -21.40
CA SER B 231 -6.67 13.99 -21.73
C SER B 231 -7.53 13.01 -20.94
N ILE B 232 -8.50 13.54 -20.20
CA ILE B 232 -9.36 12.74 -19.36
C ILE B 232 -10.79 12.91 -19.84
N ALA B 233 -11.45 11.79 -20.11
CA ALA B 233 -12.88 11.81 -20.41
C ALA B 233 -13.61 11.14 -19.26
N PRO B 234 -14.45 11.87 -18.53
CA PRO B 234 -15.33 11.19 -17.56
C PRO B 234 -16.36 10.36 -18.30
N MET B 235 -16.17 9.05 -18.29
CA MET B 235 -17.10 8.14 -18.93
C MET B 235 -17.94 7.46 -17.85
N CYS B 236 -19.15 7.07 -18.25
CA CYS B 236 -20.23 6.56 -17.38
C CYS B 236 -20.46 7.46 -16.17
N CYS B 237 -20.46 8.77 -16.44
CA CYS B 237 -20.67 9.76 -15.38
C CYS B 237 -22.12 9.74 -14.92
N GLU B 238 -22.32 9.94 -13.62
CA GLU B 238 -23.66 10.05 -13.07
C GLU B 238 -23.65 10.99 -11.87
N PHE B 239 -24.67 11.85 -11.81
CA PHE B 239 -24.76 12.89 -10.81
C PHE B 239 -26.18 12.94 -10.28
N ASN B 240 -26.33 12.89 -8.96
CA ASN B 240 -27.60 13.09 -8.29
C ASN B 240 -27.40 14.13 -7.21
N GLY B 241 -28.47 14.40 -6.46
CA GLY B 241 -28.42 15.41 -5.42
C GLY B 241 -28.34 16.81 -5.99
N LEU B 242 -29.42 17.25 -6.61
CA LEU B 242 -29.46 18.56 -7.26
C LEU B 242 -29.55 19.65 -6.19
N ARG B 243 -28.41 20.23 -5.83
CA ARG B 243 -28.34 21.30 -4.85
C ARG B 243 -27.66 22.51 -5.45
N HIS B 244 -27.33 23.49 -4.61
CA HIS B 244 -26.65 24.69 -5.07
C HIS B 244 -25.22 24.38 -5.51
N ALA B 245 -24.71 25.22 -6.42
CA ALA B 245 -23.39 25.01 -7.00
C ALA B 245 -22.32 25.35 -5.98
N ILE B 246 -21.71 24.31 -5.39
CA ILE B 246 -20.68 24.51 -4.38
C ILE B 246 -19.31 24.60 -5.03
N GLY C 1 -21.46 -33.07 25.97
CA GLY C 1 -22.67 -32.86 26.74
C GLY C 1 -22.42 -32.23 28.09
N VAL C 2 -22.94 -32.85 29.14
CA VAL C 2 -22.71 -32.35 30.50
C VAL C 2 -21.27 -32.51 30.96
N PRO C 3 -20.65 -33.71 30.93
CA PRO C 3 -19.27 -33.77 31.46
C PRO C 3 -18.27 -33.31 30.40
N THR C 4 -17.68 -32.13 30.62
CA THR C 4 -16.61 -31.62 29.78
C THR C 4 -15.40 -31.34 30.65
N TYR C 5 -14.22 -31.76 30.20
CA TYR C 5 -12.97 -31.39 30.84
C TYR C 5 -12.14 -30.60 29.83
N LEU C 6 -11.49 -29.54 30.31
CA LEU C 6 -10.88 -28.56 29.42
C LEU C 6 -9.60 -29.09 28.78
N LEU C 7 -9.22 -28.45 27.69
CA LEU C 7 -8.00 -28.74 26.97
C LEU C 7 -6.78 -28.24 27.75
N PRO C 8 -5.60 -28.80 27.49
CA PRO C 8 -4.38 -28.21 28.07
C PRO C 8 -4.12 -26.78 27.61
N GLY C 9 -4.48 -26.44 26.37
CA GLY C 9 -4.29 -25.10 25.86
C GLY C 9 -5.56 -24.27 25.92
N SER C 10 -6.51 -24.69 26.76
CA SER C 10 -7.77 -23.97 26.89
C SER C 10 -7.56 -22.63 27.57
N GLY C 11 -8.32 -21.63 27.10
CA GLY C 11 -8.19 -20.29 27.65
C GLY C 11 -6.96 -19.55 27.22
N GLN C 12 -6.38 -19.91 26.09
CA GLN C 12 -5.17 -19.27 25.60
C GLN C 12 -5.52 -18.30 24.48
N PHE C 13 -4.92 -17.11 24.54
CA PHE C 13 -5.06 -16.13 23.46
C PHE C 13 -4.15 -16.56 22.31
N LEU C 14 -4.74 -17.01 21.21
CA LEU C 14 -3.97 -17.43 20.05
C LEU C 14 -3.96 -16.30 19.04
N THR C 15 -2.78 -16.04 18.49
CA THR C 15 -2.65 -14.96 17.52
C THR C 15 -3.31 -15.31 16.19
N THR C 16 -3.36 -16.59 15.84
CA THR C 16 -3.83 -17.02 14.52
C THR C 16 -4.97 -18.03 14.59
N ASP C 17 -5.76 -18.02 15.66
CA ASP C 17 -6.96 -18.86 15.67
C ASP C 17 -8.04 -18.24 14.79
N ASP C 18 -9.03 -19.06 14.43
CA ASP C 18 -10.08 -18.61 13.52
C ASP C 18 -11.48 -19.00 13.99
N HIS C 19 -11.66 -19.41 15.24
CA HIS C 19 -12.99 -19.71 15.73
C HIS C 19 -13.76 -18.41 15.95
N SER C 20 -15.01 -18.39 15.50
CA SER C 20 -15.80 -17.17 15.56
C SER C 20 -16.23 -16.86 16.98
N SER C 21 -16.55 -15.60 17.22
CA SER C 21 -16.99 -15.12 18.52
C SER C 21 -18.35 -14.45 18.38
N ALA C 22 -18.93 -14.10 19.53
CA ALA C 22 -20.22 -13.43 19.53
C ALA C 22 -20.04 -11.98 19.06
N PRO C 23 -20.84 -11.53 18.10
CA PRO C 23 -20.70 -10.14 17.63
C PRO C 23 -21.15 -9.15 18.68
N VAL C 24 -20.54 -7.95 18.63
CA VAL C 24 -20.85 -6.92 19.60
C VAL C 24 -22.24 -6.35 19.35
N LEU C 25 -22.59 -6.12 18.09
CA LEU C 25 -23.89 -5.59 17.72
C LEU C 25 -24.66 -6.68 17.00
N PRO C 26 -25.58 -7.37 17.67
CA PRO C 26 -26.25 -8.50 17.01
C PRO C 26 -27.30 -8.07 16.01
N CYS C 27 -27.94 -6.92 16.22
CA CYS C 27 -29.01 -6.47 15.36
C CYS C 27 -28.52 -5.55 14.25
N PHE C 28 -27.22 -5.34 14.13
CA PHE C 28 -26.67 -4.48 13.10
C PHE C 28 -26.50 -5.25 11.80
N ASN C 29 -27.12 -4.74 10.73
CA ASN C 29 -26.81 -5.23 9.40
C ASN C 29 -25.68 -4.39 8.84
N PRO C 30 -24.59 -5.00 8.36
CA PRO C 30 -23.50 -4.20 7.79
C PRO C 30 -23.87 -3.59 6.44
N THR C 31 -22.94 -2.81 5.91
CA THR C 31 -23.13 -2.21 4.60
C THR C 31 -23.19 -3.29 3.53
N PRO C 32 -24.11 -3.19 2.57
CA PRO C 32 -24.18 -4.19 1.50
C PRO C 32 -22.92 -4.22 0.66
N GLU C 33 -22.52 -5.43 0.26
CA GLU C 33 -21.27 -5.64 -0.43
C GLU C 33 -21.42 -5.24 -1.89
N MET C 34 -20.81 -4.12 -2.25
CA MET C 34 -20.85 -3.67 -3.64
C MET C 34 -19.56 -4.06 -4.35
N HIS C 35 -19.65 -4.17 -5.67
CA HIS C 35 -18.56 -4.68 -6.50
C HIS C 35 -17.51 -3.60 -6.64
N ILE C 36 -16.59 -3.56 -5.68
CA ILE C 36 -15.39 -2.75 -5.83
C ILE C 36 -14.47 -3.49 -6.80
N PRO C 37 -14.00 -2.84 -7.86
CA PRO C 37 -13.04 -3.49 -8.74
C PRO C 37 -11.72 -3.75 -8.04
N GLY C 38 -11.05 -4.81 -8.47
CA GLY C 38 -9.77 -5.16 -7.90
C GLY C 38 -9.83 -6.09 -6.71
N GLN C 39 -10.70 -7.09 -6.74
CA GLN C 39 -10.88 -7.95 -5.56
C GLN C 39 -9.68 -8.85 -5.38
N VAL C 40 -9.07 -8.76 -4.20
CA VAL C 40 -7.92 -9.56 -3.83
C VAL C 40 -8.44 -10.73 -3.00
N ARG C 41 -8.33 -11.92 -3.54
CA ARG C 41 -8.64 -13.12 -2.79
C ARG C 41 -7.38 -13.81 -2.28
N ASN C 42 -6.22 -13.39 -2.77
CA ASN C 42 -4.94 -13.98 -2.41
C ASN C 42 -3.85 -12.99 -2.76
N MET C 43 -2.70 -13.10 -2.09
CA MET C 43 -1.60 -12.21 -2.41
C MET C 43 -0.93 -12.54 -3.72
N LEU C 44 -1.17 -13.73 -4.30
CA LEU C 44 -0.53 -14.09 -5.57
C LEU C 44 -0.92 -13.11 -6.67
N GLU C 45 -2.18 -12.63 -6.66
CA GLU C 45 -2.62 -11.61 -7.61
C GLU C 45 -1.83 -10.32 -7.46
N VAL C 46 -1.35 -10.02 -6.26
CA VAL C 46 -0.39 -8.93 -6.10
C VAL C 46 0.96 -9.34 -6.67
N ILE C 47 1.33 -10.62 -6.55
CA ILE C 47 2.71 -11.01 -6.91
C ILE C 47 2.91 -11.05 -8.44
N GLN C 48 1.97 -11.64 -9.22
CA GLN C 48 2.32 -11.70 -10.65
C GLN C 48 2.02 -10.42 -11.42
N VAL C 49 1.99 -9.27 -10.78
CA VAL C 49 2.05 -8.00 -11.49
C VAL C 49 3.43 -7.42 -11.26
N GLU C 50 3.96 -6.73 -12.27
CA GLU C 50 5.38 -6.37 -12.37
C GLU C 50 5.81 -5.41 -11.27
N SER C 51 7.13 -5.30 -11.11
CA SER C 51 7.75 -4.37 -10.17
C SER C 51 9.22 -4.14 -10.48
N MET C 52 9.62 -2.88 -10.68
CA MET C 52 11.01 -2.58 -10.92
C MET C 52 11.84 -2.74 -9.67
N MET C 53 13.13 -3.01 -9.86
CA MET C 53 14.08 -3.17 -8.78
C MET C 53 15.29 -2.30 -9.03
N GLU C 54 16.15 -2.23 -8.02
CA GLU C 54 17.28 -1.32 -8.05
C GLU C 54 18.43 -1.92 -8.84
N ILE C 55 18.29 -1.96 -10.17
CA ILE C 55 19.21 -2.71 -11.02
C ILE C 55 20.58 -2.04 -11.11
N ASN C 56 20.66 -0.75 -10.78
CA ASN C 56 21.95 -0.11 -10.67
C ASN C 56 22.77 -0.72 -9.54
N ASN C 57 22.12 -0.95 -8.38
CA ASN C 57 22.64 -1.44 -7.11
C ASN C 57 24.01 -0.87 -6.73
N THR C 58 24.21 0.40 -7.04
CA THR C 58 25.45 1.12 -6.73
C THR C 58 25.13 2.02 -5.55
N GLU C 59 25.95 1.93 -4.51
CA GLU C 59 25.73 2.51 -3.19
C GLU C 59 25.57 4.02 -3.23
N ASN C 60 26.34 4.70 -4.11
CA ASN C 60 26.21 6.14 -4.27
C ASN C 60 24.86 6.53 -4.86
N ALA C 61 24.37 5.74 -5.81
CA ALA C 61 23.11 6.03 -6.46
C ALA C 61 21.93 5.75 -5.55
N VAL C 62 20.99 6.68 -5.49
CA VAL C 62 19.75 6.51 -4.75
C VAL C 62 18.63 7.11 -5.59
N GLY C 63 17.38 6.78 -5.28
CA GLY C 63 16.25 7.25 -6.05
C GLY C 63 16.05 6.44 -7.31
N MET C 64 15.47 7.08 -8.33
CA MET C 64 15.29 6.44 -9.63
C MET C 64 16.59 6.25 -10.37
N GLN C 65 17.60 7.05 -10.03
CA GLN C 65 18.94 6.86 -10.58
C GLN C 65 19.53 5.52 -10.14
N ARG C 66 19.08 4.99 -9.00
CA ARG C 66 19.43 3.62 -8.67
C ARG C 66 18.37 2.62 -9.13
N LEU C 67 17.15 3.08 -9.43
CA LEU C 67 16.13 2.22 -10.02
C LEU C 67 16.39 1.88 -11.48
N LYS C 68 17.16 2.69 -12.19
CA LYS C 68 17.44 2.46 -13.59
C LYS C 68 18.93 2.25 -13.75
N VAL C 69 19.31 1.45 -14.74
CA VAL C 69 20.71 1.31 -15.10
C VAL C 69 20.95 2.32 -16.22
N ASP C 70 22.17 2.84 -16.33
CA ASP C 70 22.53 3.75 -17.41
C ASP C 70 23.56 3.07 -18.29
N ILE C 71 23.09 2.44 -19.37
CA ILE C 71 23.99 1.88 -20.37
C ILE C 71 24.41 3.00 -21.33
N SER C 72 25.68 3.37 -21.27
CA SER C 72 26.19 4.43 -22.11
C SER C 72 26.82 3.87 -23.38
N VAL C 73 27.09 4.76 -24.33
CA VAL C 73 27.89 4.37 -25.47
C VAL C 73 29.34 4.13 -25.04
N LEU C 74 29.80 4.90 -24.06
CA LEU C 74 31.17 4.80 -23.57
C LEU C 74 31.34 3.70 -22.53
N THR C 75 30.28 2.96 -22.21
CA THR C 75 30.44 1.75 -21.41
C THR C 75 31.22 0.72 -22.21
N ASP C 76 32.22 0.12 -21.58
CA ASP C 76 33.09 -0.81 -22.28
C ASP C 76 32.34 -2.09 -22.62
N VAL C 77 32.77 -2.74 -23.71
CA VAL C 77 32.15 -4.00 -24.09
C VAL C 77 32.50 -5.08 -23.08
N ASP C 78 31.55 -6.00 -22.87
CA ASP C 78 31.62 -7.08 -21.88
C ASP C 78 31.88 -6.53 -20.48
N GLN C 79 30.90 -5.76 -20.00
CA GLN C 79 30.96 -5.15 -18.68
C GLN C 79 29.77 -5.61 -17.88
N LEU C 80 30.01 -5.97 -16.62
CA LEU C 80 28.93 -6.36 -15.71
C LEU C 80 28.01 -5.19 -15.47
N LEU C 81 26.71 -5.42 -15.67
CA LEU C 81 25.75 -4.34 -15.71
C LEU C 81 24.69 -4.42 -14.63
N PHE C 82 24.33 -5.62 -14.17
CA PHE C 82 23.35 -5.69 -13.09
C PHE C 82 23.95 -6.25 -11.81
N ASN C 83 24.40 -7.50 -11.88
CA ASN C 83 24.72 -8.33 -10.72
C ASN C 83 23.60 -8.27 -9.68
N ILE C 84 22.45 -8.79 -10.07
CA ILE C 84 21.30 -8.77 -9.16
C ILE C 84 21.19 -10.12 -8.45
N PRO C 85 21.31 -10.15 -7.13
CA PRO C 85 20.95 -11.35 -6.38
C PRO C 85 19.45 -11.53 -6.35
N LEU C 86 19.02 -12.75 -6.08
CA LEU C 86 17.60 -13.07 -6.03
C LEU C 86 17.12 -13.39 -4.62
N ASP C 87 17.89 -13.00 -3.60
CA ASP C 87 17.46 -13.20 -2.22
C ASP C 87 16.42 -12.14 -1.89
N ILE C 88 15.16 -12.48 -2.22
CA ILE C 88 14.07 -11.52 -2.07
C ILE C 88 13.71 -11.32 -0.61
N GLN C 89 14.09 -12.25 0.25
CA GLN C 89 13.91 -12.09 1.68
C GLN C 89 15.13 -11.49 2.35
N LEU C 90 16.17 -11.18 1.59
CA LEU C 90 17.37 -10.53 2.11
C LEU C 90 17.60 -9.24 1.34
N ASP C 91 18.72 -8.58 1.61
CA ASP C 91 19.04 -7.33 0.96
C ASP C 91 19.46 -7.56 -0.48
N GLY C 92 19.10 -6.62 -1.35
CA GLY C 92 19.43 -6.69 -2.74
C GLY C 92 18.63 -5.68 -3.53
N PRO C 93 18.76 -5.71 -4.86
CA PRO C 93 17.86 -4.92 -5.70
C PRO C 93 16.40 -5.31 -5.57
N LEU C 94 16.12 -6.59 -5.40
CA LEU C 94 14.75 -7.10 -5.46
C LEU C 94 14.01 -6.95 -4.14
N ARG C 95 14.57 -6.24 -3.16
CA ARG C 95 13.92 -6.18 -1.85
C ARG C 95 12.74 -5.21 -1.87
N ASN C 96 12.80 -4.16 -2.68
CA ASN C 96 11.72 -3.18 -2.74
C ASN C 96 10.83 -3.41 -3.96
N THR C 97 10.23 -4.60 -4.02
CA THR C 97 9.29 -4.98 -5.07
C THR C 97 8.04 -5.52 -4.39
N LEU C 98 7.00 -5.84 -5.18
CA LEU C 98 5.93 -6.67 -4.63
C LEU C 98 6.45 -8.05 -4.27
N VAL C 99 7.31 -8.61 -5.12
CA VAL C 99 7.84 -9.96 -4.89
C VAL C 99 8.67 -9.99 -3.61
N GLY C 100 9.57 -9.03 -3.46
CA GLY C 100 10.44 -9.01 -2.29
C GLY C 100 9.71 -8.66 -1.02
N ASN C 101 8.86 -7.63 -1.05
CA ASN C 101 8.22 -7.19 0.18
C ASN C 101 7.08 -8.12 0.59
N ILE C 102 6.44 -8.77 -0.38
CA ILE C 102 5.45 -9.79 -0.04
C ILE C 102 6.15 -11.04 0.48
N SER C 103 7.30 -11.41 -0.10
CA SER C 103 8.02 -12.59 0.38
C SER C 103 8.63 -12.36 1.75
N ARG C 104 8.95 -11.10 2.08
CA ARG C 104 9.45 -10.81 3.42
C ARG C 104 8.35 -10.86 4.46
N TYR C 105 7.09 -10.85 4.04
CA TYR C 105 5.98 -11.06 4.94
C TYR C 105 5.71 -12.52 5.23
N TYR C 106 6.44 -13.43 4.59
CA TYR C 106 6.39 -14.85 4.87
C TYR C 106 7.79 -15.37 5.15
N THR C 107 7.91 -16.68 5.34
CA THR C 107 9.20 -17.33 5.48
C THR C 107 9.47 -18.28 4.31
N HIS C 108 8.58 -19.22 4.07
CA HIS C 108 8.80 -20.27 3.07
C HIS C 108 8.20 -19.83 1.74
N TRP C 109 9.04 -19.42 0.80
CA TRP C 109 8.58 -18.88 -0.47
C TRP C 109 9.03 -19.79 -1.62
N SER C 110 8.10 -20.15 -2.48
CA SER C 110 8.42 -21.02 -3.61
C SER C 110 7.81 -20.44 -4.87
N GLY C 111 8.38 -20.81 -6.00
CA GLY C 111 7.83 -20.40 -7.28
C GLY C 111 8.84 -19.92 -8.29
N SER C 112 8.48 -19.97 -9.57
CA SER C 112 9.31 -19.46 -10.65
C SER C 112 9.09 -17.96 -10.79
N LEU C 113 10.15 -17.24 -11.11
CA LEU C 113 10.13 -15.78 -11.10
C LEU C 113 10.30 -15.27 -12.53
N GLU C 114 9.31 -14.54 -13.04
CA GLU C 114 9.50 -13.90 -14.33
C GLU C 114 10.17 -12.55 -14.13
N MET C 115 11.12 -12.27 -14.99
CA MET C 115 11.99 -11.08 -14.92
C MET C 115 11.95 -10.40 -16.27
N THR C 116 11.02 -9.47 -16.46
CA THR C 116 10.89 -8.80 -17.75
C THR C 116 11.75 -7.53 -17.67
N PHE C 117 12.64 -7.39 -18.63
CA PHE C 117 13.36 -6.13 -18.82
C PHE C 117 12.82 -5.44 -20.06
N MET C 118 12.57 -4.14 -19.92
CA MET C 118 12.27 -3.32 -21.08
C MET C 118 13.34 -2.25 -21.25
N PHE C 119 13.82 -2.11 -22.48
CA PHE C 119 14.95 -1.24 -22.75
C PHE C 119 14.46 0.15 -23.05
N CYS C 120 14.71 1.08 -22.14
CA CYS C 120 14.28 2.46 -22.34
C CYS C 120 15.30 3.26 -23.13
N GLY C 121 15.33 3.03 -24.44
CA GLY C 121 16.19 3.80 -25.31
C GLY C 121 15.42 4.52 -26.38
N SER C 122 16.11 5.10 -27.34
CA SER C 122 15.43 5.65 -28.50
C SER C 122 14.96 4.52 -29.40
N PHE C 123 14.07 4.85 -30.33
CA PHE C 123 13.63 3.87 -31.32
C PHE C 123 14.77 3.48 -32.25
N MET C 124 15.66 4.42 -32.54
CA MET C 124 16.81 4.13 -33.40
C MET C 124 18.00 3.57 -32.63
N ALA C 125 17.93 3.49 -31.31
CA ALA C 125 19.02 2.91 -30.54
C ALA C 125 19.05 1.40 -30.70
N THR C 126 20.25 0.83 -30.73
CA THR C 126 20.40 -0.61 -30.90
C THR C 126 21.57 -1.10 -30.07
N GLY C 127 21.62 -2.42 -29.90
CA GLY C 127 22.68 -3.08 -29.16
C GLY C 127 22.24 -4.43 -28.65
N LYS C 128 23.11 -5.43 -28.74
CA LYS C 128 22.79 -6.77 -28.28
C LYS C 128 23.34 -6.96 -26.87
N LEU C 129 22.47 -7.32 -25.95
CA LEU C 129 22.82 -7.52 -24.55
C LEU C 129 22.62 -8.99 -24.21
N ILE C 130 23.62 -9.59 -23.57
CA ILE C 130 23.57 -10.98 -23.16
C ILE C 130 23.17 -11.01 -21.70
N LEU C 131 22.08 -11.71 -21.39
CA LEU C 131 21.56 -11.75 -20.04
C LEU C 131 21.54 -13.19 -19.55
N CYS C 132 22.35 -13.48 -18.55
CA CYS C 132 22.55 -14.84 -18.06
C CYS C 132 21.86 -15.00 -16.72
N TYR C 133 21.05 -16.03 -16.58
CA TYR C 133 20.57 -16.44 -15.27
C TYR C 133 21.51 -17.53 -14.78
N THR C 134 22.32 -17.20 -13.80
CA THR C 134 23.17 -18.22 -13.19
C THR C 134 22.31 -19.11 -12.31
N PRO C 135 22.46 -20.43 -12.41
CA PRO C 135 21.76 -21.34 -11.50
C PRO C 135 22.22 -21.15 -10.07
N PRO C 136 21.38 -21.52 -9.08
CA PRO C 136 21.76 -21.34 -7.67
C PRO C 136 23.00 -22.13 -7.29
N GLY C 137 23.82 -21.52 -6.45
CA GLY C 137 25.11 -22.08 -6.09
C GLY C 137 26.24 -21.56 -6.95
N GLY C 138 26.00 -21.43 -8.26
CA GLY C 138 26.97 -20.88 -9.17
C GLY C 138 27.24 -19.41 -8.90
N SER C 139 28.51 -19.02 -8.94
CA SER C 139 28.89 -17.66 -8.62
C SER C 139 28.61 -16.72 -9.78
N CYS C 140 28.95 -15.46 -9.59
CA CYS C 140 28.73 -14.44 -10.62
C CYS C 140 29.69 -14.64 -11.78
N PRO C 141 29.19 -14.59 -13.03
CA PRO C 141 30.10 -14.47 -14.16
C PRO C 141 30.52 -13.03 -14.34
N THR C 142 31.79 -12.83 -14.71
CA THR C 142 32.31 -11.48 -14.93
C THR C 142 32.55 -11.18 -16.39
N THR C 143 32.74 -12.21 -17.22
CA THR C 143 32.93 -12.03 -18.65
C THR C 143 31.80 -12.73 -19.38
N ARG C 144 31.69 -12.45 -20.69
CA ARG C 144 30.65 -13.09 -21.48
C ARG C 144 30.94 -14.56 -21.68
N GLU C 145 32.22 -14.94 -21.76
CA GLU C 145 32.57 -16.34 -21.99
C GLU C 145 32.31 -17.19 -20.76
N THR C 146 32.26 -16.60 -19.58
CA THR C 146 31.80 -17.29 -18.39
C THR C 146 30.31 -17.14 -18.18
N ALA C 147 29.61 -16.45 -19.08
CA ALA C 147 28.20 -16.13 -18.91
C ALA C 147 27.26 -17.01 -19.72
N MET C 148 27.63 -17.36 -20.96
CA MET C 148 26.70 -18.12 -21.78
C MET C 148 26.71 -19.61 -21.49
N LEU C 149 27.49 -20.07 -20.50
CA LEU C 149 27.40 -21.45 -20.05
C LEU C 149 26.04 -21.73 -19.42
N GLY C 150 25.52 -20.77 -18.65
CA GLY C 150 24.18 -20.88 -18.12
C GLY C 150 23.14 -20.49 -19.13
N THR C 151 21.89 -20.48 -18.68
CA THR C 151 20.77 -20.10 -19.54
C THR C 151 20.82 -18.59 -19.75
N HIS C 152 21.16 -18.19 -20.97
CA HIS C 152 21.34 -16.79 -21.31
C HIS C 152 20.50 -16.44 -22.52
N ILE C 153 20.10 -15.17 -22.58
CA ILE C 153 19.29 -14.64 -23.66
C ILE C 153 20.07 -13.54 -24.34
N VAL C 154 20.24 -13.66 -25.65
CA VAL C 154 20.80 -12.57 -26.45
C VAL C 154 19.65 -11.67 -26.86
N TRP C 155 19.80 -10.38 -26.62
CA TRP C 155 18.72 -9.42 -26.78
C TRP C 155 19.23 -8.26 -27.63
N ASP C 156 18.99 -8.32 -28.93
CA ASP C 156 19.00 -7.12 -29.75
C ASP C 156 17.68 -6.43 -29.48
N PHE C 157 17.72 -5.10 -29.31
CA PHE C 157 16.56 -4.35 -28.87
C PHE C 157 15.44 -4.39 -29.90
N GLY C 158 15.77 -4.07 -31.16
CA GLY C 158 14.88 -4.33 -32.28
C GLY C 158 13.60 -3.52 -32.24
N LEU C 159 12.47 -4.23 -32.33
CA LEU C 159 11.15 -3.63 -32.25
C LEU C 159 10.39 -4.00 -30.99
N GLN C 160 10.67 -5.15 -30.39
CA GLN C 160 9.96 -5.56 -29.19
C GLN C 160 10.36 -4.73 -27.98
N SER C 161 11.67 -4.55 -27.78
CA SER C 161 12.28 -3.74 -26.71
C SER C 161 11.88 -4.18 -25.31
N SER C 162 11.47 -5.44 -25.15
CA SER C 162 11.05 -5.96 -23.84
C SER C 162 11.12 -7.47 -23.91
N VAL C 163 11.98 -8.05 -23.09
CA VAL C 163 12.14 -9.50 -23.01
C VAL C 163 11.77 -9.94 -21.61
N THR C 164 11.50 -11.23 -21.45
CA THR C 164 11.28 -11.82 -20.14
C THR C 164 12.28 -12.94 -19.91
N LEU C 165 12.68 -13.09 -18.65
CA LEU C 165 13.58 -14.14 -18.21
C LEU C 165 12.80 -14.95 -17.18
N VAL C 166 12.31 -16.10 -17.59
CA VAL C 166 11.52 -16.96 -16.71
C VAL C 166 12.54 -17.77 -15.92
N ILE C 167 12.95 -17.26 -14.77
CA ILE C 167 13.79 -18.01 -13.84
C ILE C 167 12.96 -19.18 -13.33
N PRO C 168 13.39 -20.41 -13.60
CA PRO C 168 12.61 -21.57 -13.20
C PRO C 168 12.72 -21.81 -11.71
N TRP C 169 11.73 -22.53 -11.19
CA TRP C 169 11.74 -22.92 -9.79
C TRP C 169 12.72 -24.08 -9.62
N ILE C 170 13.95 -23.73 -9.27
CA ILE C 170 15.02 -24.70 -9.04
C ILE C 170 15.63 -24.40 -7.68
N SER C 171 15.65 -25.41 -6.81
CA SER C 171 16.19 -25.25 -5.46
C SER C 171 16.63 -26.61 -4.94
N GLY C 172 17.52 -26.57 -3.94
CA GLY C 172 17.97 -27.81 -3.31
C GLY C 172 16.87 -28.47 -2.49
N SER C 173 16.18 -27.67 -1.67
CA SER C 173 14.97 -28.14 -1.02
C SER C 173 13.79 -27.86 -1.94
N HIS C 174 12.58 -28.19 -1.49
CA HIS C 174 11.41 -28.06 -2.34
C HIS C 174 10.68 -26.73 -2.12
N TYR C 175 11.01 -25.98 -1.06
CA TYR C 175 10.78 -24.54 -0.92
C TYR C 175 12.11 -23.84 -0.65
N ARG C 176 12.12 -22.51 -0.86
CA ARG C 176 13.24 -21.66 -0.45
C ARG C 176 12.79 -20.76 0.70
N MET C 177 13.64 -20.62 1.73
CA MET C 177 13.23 -19.85 2.89
C MET C 177 14.44 -19.15 3.50
N PHE C 178 14.21 -18.57 4.69
CA PHE C 178 15.18 -17.71 5.38
C PHE C 178 16.47 -18.47 5.72
N ASN C 179 16.39 -19.79 5.96
CA ASN C 179 17.46 -20.67 6.43
C ASN C 179 17.98 -20.31 7.82
N ASN C 180 17.25 -19.47 8.56
CA ASN C 180 17.55 -18.88 9.87
C ASN C 180 18.75 -17.92 9.84
N ASP C 181 19.43 -17.77 8.72
CA ASP C 181 20.60 -16.93 8.53
C ASP C 181 20.89 -16.89 7.03
N ALA C 182 21.59 -15.84 6.61
CA ALA C 182 21.93 -15.71 5.19
C ALA C 182 23.05 -16.67 4.78
N LYS C 183 23.90 -17.09 5.72
CA LYS C 183 25.05 -17.91 5.43
C LYS C 183 24.66 -19.39 5.49
N SER C 184 24.07 -19.87 4.40
CA SER C 184 23.63 -21.26 4.33
C SER C 184 23.63 -21.70 2.86
N THR C 185 23.01 -22.84 2.61
CA THR C 185 22.99 -23.44 1.27
C THR C 185 21.77 -22.97 0.47
N ASN C 186 20.57 -23.15 1.02
CA ASN C 186 19.35 -22.79 0.31
C ASN C 186 19.03 -21.30 0.41
N ALA C 187 19.77 -20.54 1.21
CA ALA C 187 19.53 -19.10 1.31
C ALA C 187 19.93 -18.38 0.02
N ASN C 188 21.04 -18.78 -0.59
CA ASN C 188 21.43 -18.21 -1.88
C ASN C 188 20.54 -18.75 -2.99
N VAL C 189 20.16 -17.87 -3.91
CA VAL C 189 19.19 -18.19 -4.94
C VAL C 189 19.81 -18.25 -6.33
N GLY C 190 20.97 -17.65 -6.55
CA GLY C 190 21.52 -17.59 -7.88
C GLY C 190 21.45 -16.18 -8.44
N TYR C 191 22.38 -15.87 -9.33
CA TYR C 191 22.56 -14.51 -9.80
C TYR C 191 22.00 -14.36 -11.21
N VAL C 192 21.60 -13.14 -11.54
CA VAL C 192 21.24 -12.77 -12.90
C VAL C 192 22.14 -11.62 -13.31
N THR C 193 22.87 -11.81 -14.40
CA THR C 193 23.84 -10.82 -14.87
C THR C 193 23.45 -10.37 -16.27
N CYS C 194 23.94 -9.21 -16.67
CA CYS C 194 23.81 -8.74 -18.04
C CYS C 194 25.11 -8.09 -18.48
N PHE C 195 25.45 -8.30 -19.73
CA PHE C 195 26.61 -7.70 -20.36
C PHE C 195 26.17 -7.21 -21.73
N MET C 196 27.03 -6.44 -22.38
CA MET C 196 26.76 -6.00 -23.75
C MET C 196 27.55 -6.88 -24.71
N GLN C 197 26.83 -7.51 -25.63
CA GLN C 197 27.47 -8.43 -26.56
C GLN C 197 28.08 -7.70 -27.74
N THR C 198 27.30 -6.81 -28.37
CA THR C 198 27.74 -6.08 -29.56
C THR C 198 27.78 -4.57 -29.32
N ASN C 199 27.75 -4.15 -28.05
CA ASN C 199 27.82 -2.76 -27.56
C ASN C 199 26.59 -1.94 -27.92
N LEU C 200 26.22 -0.99 -27.06
CA LEU C 200 25.14 -0.07 -27.38
C LEU C 200 25.56 0.87 -28.49
N ILE C 201 24.77 0.91 -29.56
CA ILE C 201 25.01 1.78 -30.70
C ILE C 201 23.83 2.73 -30.81
N VAL C 202 24.10 4.03 -30.75
CA VAL C 202 23.05 5.05 -30.80
C VAL C 202 23.40 6.03 -31.92
N PRO C 203 22.42 6.72 -32.49
CA PRO C 203 22.74 7.76 -33.48
C PRO C 203 23.45 8.94 -32.85
N SER C 204 24.18 9.68 -33.69
CA SER C 204 24.95 10.83 -33.22
C SER C 204 24.06 12.02 -32.88
N GLU C 205 22.77 11.96 -33.20
CA GLU C 205 21.85 13.01 -32.79
C GLU C 205 21.02 12.58 -31.58
N SER C 206 20.85 11.28 -31.37
CA SER C 206 20.05 10.79 -30.26
C SER C 206 20.86 10.81 -28.96
N SER C 207 20.21 10.37 -27.88
CA SER C 207 20.81 10.36 -26.56
C SER C 207 21.89 9.30 -26.48
N ASN C 208 23.07 9.69 -25.97
CA ASN C 208 24.16 8.74 -25.83
C ASN C 208 23.97 7.82 -24.62
N THR C 209 23.48 8.34 -23.51
CA THR C 209 23.31 7.55 -22.29
C THR C 209 21.94 6.90 -22.29
N CYS C 210 21.90 5.65 -22.76
CA CYS C 210 20.65 4.90 -22.79
C CYS C 210 20.38 4.27 -21.43
N SER C 211 19.17 3.76 -21.26
CA SER C 211 18.74 3.21 -19.98
C SER C 211 17.85 2.00 -20.19
N LEU C 212 17.56 1.32 -19.09
CA LEU C 212 16.90 0.02 -19.12
C LEU C 212 16.25 -0.21 -17.77
N ILE C 213 15.06 -0.81 -17.77
CA ILE C 213 14.27 -0.99 -16.56
C ILE C 213 13.93 -2.47 -16.43
N GLY C 214 14.16 -3.04 -15.23
CA GLY C 214 13.80 -4.40 -14.95
C GLY C 214 12.42 -4.51 -14.32
N PHE C 215 11.92 -5.75 -14.26
CA PHE C 215 10.68 -6.04 -13.55
C PHE C 215 10.78 -7.43 -12.94
N VAL C 216 9.99 -7.67 -11.91
CA VAL C 216 9.78 -9.00 -11.38
C VAL C 216 8.29 -9.25 -11.20
N ALA C 217 7.89 -10.47 -11.48
CA ALA C 217 6.60 -10.98 -11.07
C ALA C 217 6.76 -12.47 -10.89
N ALA C 218 5.69 -13.13 -10.49
CA ALA C 218 5.74 -14.57 -10.28
C ALA C 218 5.01 -15.29 -11.40
N LYS C 219 5.14 -16.61 -11.39
CA LYS C 219 4.22 -17.41 -12.17
C LYS C 219 3.04 -17.81 -11.30
N ASP C 220 2.16 -18.64 -11.87
CA ASP C 220 1.01 -19.11 -11.11
C ASP C 220 1.40 -20.15 -10.06
N ASP C 221 2.61 -20.70 -10.14
CA ASP C 221 3.10 -21.71 -9.22
C ASP C 221 3.73 -21.15 -7.94
N PHE C 222 3.71 -19.84 -7.75
CA PHE C 222 4.28 -19.25 -6.54
C PHE C 222 3.41 -19.58 -5.33
N SER C 223 4.06 -19.84 -4.20
CA SER C 223 3.37 -20.15 -2.97
C SER C 223 4.16 -19.59 -1.79
N LEU C 224 3.45 -19.28 -0.72
CA LEU C 224 4.06 -18.73 0.48
C LEU C 224 3.51 -19.42 1.72
N ARG C 225 4.38 -19.62 2.70
CA ARG C 225 4.00 -20.20 3.98
C ARG C 225 4.78 -19.51 5.09
N LEU C 226 4.30 -19.71 6.31
CA LEU C 226 4.91 -19.24 7.56
C LEU C 226 5.06 -17.72 7.55
N MET C 227 3.91 -17.06 7.59
CA MET C 227 3.85 -15.61 7.56
C MET C 227 4.52 -15.02 8.79
N ARG C 228 5.39 -14.04 8.57
CA ARG C 228 6.20 -13.48 9.63
C ARG C 228 6.24 -11.96 9.46
N ASP C 229 6.62 -11.28 10.54
CA ASP C 229 6.75 -9.83 10.53
C ASP C 229 8.07 -9.46 9.86
N SER C 230 7.99 -8.64 8.82
CA SER C 230 9.16 -8.31 8.02
C SER C 230 10.04 -7.29 8.72
N PRO C 231 11.35 -7.30 8.45
CA PRO C 231 12.22 -6.22 8.92
C PRO C 231 12.24 -4.99 8.01
N ASP C 232 11.29 -4.88 7.09
CA ASP C 232 11.22 -3.69 6.24
C ASP C 232 10.87 -2.45 7.05
N ILE C 233 9.97 -2.60 8.02
CA ILE C 233 9.57 -1.49 8.86
C ILE C 233 9.58 -1.94 10.32
N GLY C 234 9.66 -0.97 11.21
CA GLY C 234 9.58 -1.23 12.64
C GLY C 234 9.27 0.05 13.38
N GLN C 235 8.66 -0.11 14.55
CA GLN C 235 8.34 1.01 15.42
C GLN C 235 9.54 1.28 16.33
N LEU C 236 9.66 2.53 16.77
CA LEU C 236 10.79 2.93 17.61
C LEU C 236 10.37 3.96 18.64
#